data_4Y2H
#
_entry.id   4Y2H
#
_cell.length_a   99.970
_cell.length_b   99.970
_cell.length_c   89.490
_cell.angle_alpha   90.000
_cell.angle_beta   90.000
_cell.angle_gamma   90.000
#
_symmetry.space_group_name_H-M   'P 43'
#
loop_
_entity.id
_entity.type
_entity.pdbx_description
1 polymer 'Protein arginine N-methyltransferase 6'
2 non-polymer S-ADENOSYL-L-HOMOCYSTEINE
3 non-polymer N-{[5-(4-fluorophenyl)-1H-pyrazol-4-yl]methyl}-N-methylethane-1,2-diamine
4 non-polymer GLYCEROL
5 water water
#
_entity_poly.entity_id   1
_entity_poly.type   'polypeptide(L)'
_entity_poly.pdbx_seq_one_letter_code
;SIAAEREAALERPRRTKRERDQLYYECYSDVSVHEEMIADRVRTDAYRLGILRNWAALRGKTVLDVGAGTGILSIFCAQA
GARRVYAVEASAIWQQAREVVRFNGLEDRVHVLPGPVETVELPEQVDAIVSEWMGYGLLHESMLSSVLHARTKWLKEGGL
LLPASAELFIAPISDQMLEWRLGFWSQVKQHYGVDMSCLEGFATRCLMGHSEIVVQGLSGEDVLARPQRFAQLELSRAGL
EQELEAGVGGRFRCSCYGSAPMHGFAIWFQVTFPGGESEKPLVLSTSPFHPATHWKQALLYLNEPVQVEQDTDVSGEITL
LPSRDNPRRLRVLLRYKVGDQEEKTKDFAMED
;
_entity_poly.pdbx_strand_id   A,B
#
loop_
_chem_comp.id
_chem_comp.type
_chem_comp.name
_chem_comp.formula
49K non-polymer N-{[5-(4-fluorophenyl)-1H-pyrazol-4-yl]methyl}-N-methylethane-1,2-diamine 'C13 H17 F N4'
GOL non-polymer GLYCEROL 'C3 H8 O3'
#
# COMPACT_ATOMS: atom_id res chain seq x y z
N THR A 16 -20.15 -9.63 14.22
CA THR A 16 -20.82 -8.30 14.09
C THR A 16 -19.94 -7.21 14.72
N LYS A 17 -20.25 -6.85 15.97
CA LYS A 17 -19.39 -6.03 16.80
C LYS A 17 -18.17 -6.87 17.23
N ARG A 18 -18.40 -8.16 17.42
CA ARG A 18 -17.36 -9.11 17.77
C ARG A 18 -16.27 -9.14 16.68
N GLU A 19 -16.71 -9.12 15.43
CA GLU A 19 -15.82 -9.18 14.27
C GLU A 19 -15.14 -7.85 13.91
N ARG A 20 -15.63 -6.72 14.44
CA ARG A 20 -14.94 -5.44 14.23
C ARG A 20 -13.64 -5.47 15.00
N ASP A 21 -13.74 -5.99 16.23
CA ASP A 21 -12.60 -6.04 17.13
C ASP A 21 -11.54 -7.08 16.75
N GLN A 22 -11.94 -8.23 16.22
CA GLN A 22 -10.98 -9.23 15.74
C GLN A 22 -10.02 -8.57 14.76
N LEU A 23 -10.58 -7.96 13.69
CA LEU A 23 -9.77 -7.29 12.66
C LEU A 23 -8.90 -6.16 13.21
N TYR A 24 -9.43 -5.39 14.16
CA TYR A 24 -8.69 -4.28 14.75
C TYR A 24 -7.50 -4.83 15.54
N TYR A 25 -7.76 -5.71 16.49
CA TYR A 25 -6.69 -6.29 17.31
C TYR A 25 -5.73 -7.22 16.56
N GLU A 26 -6.17 -7.81 15.46
CA GLU A 26 -5.28 -8.62 14.64
C GLU A 26 -4.13 -7.81 14.05
N CYS A 27 -4.41 -6.57 13.72
CA CYS A 27 -3.41 -5.67 13.17
C CYS A 27 -2.33 -5.39 14.23
N TYR A 28 -2.76 -5.10 15.46
CA TYR A 28 -1.85 -4.94 16.59
C TYR A 28 -1.23 -6.25 17.13
N SER A 29 -1.75 -7.40 16.70
CA SER A 29 -1.12 -8.70 17.00
C SER A 29 0.12 -8.93 16.15
N ASP A 30 0.26 -8.15 15.10
CA ASP A 30 1.34 -8.35 14.13
C ASP A 30 2.48 -7.34 14.35
N VAL A 31 3.70 -7.69 13.96
CA VAL A 31 4.88 -6.87 14.26
C VAL A 31 4.92 -5.51 13.57
N SER A 32 4.28 -5.41 12.40
CA SER A 32 4.54 -4.28 11.52
C SER A 32 4.18 -2.92 12.11
N VAL A 33 2.98 -2.82 12.65
N VAL A 33 2.96 -2.80 12.65
CA VAL A 33 2.56 -1.58 13.27
CA VAL A 33 2.57 -1.54 13.28
C VAL A 33 3.42 -1.17 14.48
C VAL A 33 3.47 -1.16 14.46
N HIS A 34 3.99 -2.16 15.17
CA HIS A 34 4.80 -1.90 16.37
C HIS A 34 6.19 -1.44 16.00
N GLU A 35 6.73 -1.99 14.92
CA GLU A 35 8.01 -1.56 14.38
C GLU A 35 7.86 -0.11 13.92
N GLU A 36 6.76 0.17 13.22
CA GLU A 36 6.49 1.53 12.74
C GLU A 36 6.36 2.56 13.89
N MET A 37 5.61 2.22 14.94
CA MET A 37 5.45 3.15 16.07
C MET A 37 6.78 3.35 16.79
N ILE A 38 7.55 2.28 16.91
CA ILE A 38 8.77 2.36 17.71
C ILE A 38 9.90 3.00 16.88
N ALA A 39 9.94 2.71 15.58
CA ALA A 39 10.88 3.40 14.69
C ALA A 39 10.49 4.86 14.57
N ASP A 40 9.27 5.22 14.96
CA ASP A 40 8.88 6.64 15.01
C ASP A 40 9.57 7.33 16.18
N ARG A 41 10.70 7.95 15.86
CA ARG A 41 11.57 8.53 16.89
C ARG A 41 10.91 9.72 17.60
N VAL A 42 10.21 10.57 16.85
CA VAL A 42 9.59 11.74 17.48
C VAL A 42 8.56 11.26 18.51
N ARG A 43 7.74 10.30 18.10
CA ARG A 43 6.72 9.70 18.97
C ARG A 43 7.28 9.04 20.24
N THR A 44 8.24 8.13 20.06
CA THR A 44 8.76 7.34 21.18
C THR A 44 9.63 8.14 22.14
N ASP A 45 10.44 9.05 21.60
CA ASP A 45 11.23 9.92 22.45
C ASP A 45 10.42 10.99 23.15
N ALA A 46 9.24 11.34 22.63
CA ALA A 46 8.38 12.30 23.33
C ALA A 46 7.83 11.62 24.58
N TYR A 47 7.24 10.44 24.40
CA TYR A 47 6.82 9.63 25.54
C TYR A 47 7.96 9.38 26.51
N ARG A 48 9.13 9.00 25.98
CA ARG A 48 10.32 8.78 26.83
C ARG A 48 10.64 9.97 27.72
N LEU A 49 10.82 11.14 27.13
CA LEU A 49 11.17 12.34 27.86
C LEU A 49 9.99 12.81 28.72
N GLY A 50 8.78 12.82 28.14
CA GLY A 50 7.55 13.14 28.86
C GLY A 50 7.39 12.31 30.14
N ILE A 51 7.67 11.01 30.06
CA ILE A 51 7.55 10.13 31.22
C ILE A 51 8.64 10.45 32.24
N LEU A 52 9.88 10.59 31.78
CA LEU A 52 11.02 10.77 32.68
C LEU A 52 10.99 12.09 33.43
N ARG A 53 10.49 13.15 32.80
CA ARG A 53 10.39 14.42 33.48
C ARG A 53 9.24 14.52 34.52
N ASN A 54 8.41 13.48 34.59
CA ASN A 54 7.39 13.39 35.63
C ASN A 54 7.78 12.36 36.67
N TRP A 55 9.08 12.23 36.91
CA TRP A 55 9.62 11.30 37.89
C TRP A 55 9.07 11.58 39.28
N ALA A 56 8.94 12.87 39.64
CA ALA A 56 8.47 13.23 40.97
C ALA A 56 7.02 12.82 41.17
N ALA A 57 6.27 12.67 40.08
CA ALA A 57 4.89 12.23 40.19
C ALA A 57 4.78 10.72 40.09
N LEU A 58 5.85 10.07 39.62
CA LEU A 58 5.80 8.63 39.31
C LEU A 58 6.60 7.74 40.26
N ARG A 59 7.69 8.27 40.83
CA ARG A 59 8.54 7.50 41.75
C ARG A 59 7.72 6.92 42.89
N GLY A 60 7.75 5.59 43.03
CA GLY A 60 7.04 4.90 44.10
C GLY A 60 5.53 4.80 43.90
N LYS A 61 5.04 5.31 42.77
CA LYS A 61 3.60 5.34 42.51
C LYS A 61 3.21 4.22 41.58
N THR A 62 1.91 4.06 41.36
CA THR A 62 1.39 3.01 40.48
C THR A 62 0.78 3.58 39.21
N VAL A 63 1.01 2.88 38.10
CA VAL A 63 0.67 3.39 36.76
C VAL A 63 -0.17 2.38 36.01
N LEU A 64 -1.15 2.88 35.26
CA LEU A 64 -1.87 2.08 34.30
C LEU A 64 -1.53 2.54 32.86
N ASP A 65 -1.04 1.60 32.07
CA ASP A 65 -0.70 1.83 30.67
C ASP A 65 -1.84 1.27 29.85
N VAL A 66 -2.63 2.16 29.25
CA VAL A 66 -3.79 1.70 28.49
C VAL A 66 -3.37 1.36 27.05
N GLY A 67 -3.41 0.06 26.74
CA GLY A 67 -2.99 -0.42 25.43
C GLY A 67 -1.48 -0.50 25.32
N ALA A 68 -0.89 -1.37 26.13
CA ALA A 68 0.55 -1.37 26.30
C ALA A 68 1.37 -1.89 25.12
N GLY A 69 0.73 -2.56 24.16
CA GLY A 69 1.42 -3.07 22.98
C GLY A 69 2.58 -3.98 23.33
N THR A 70 3.77 -3.65 22.81
CA THR A 70 4.97 -4.41 23.16
C THR A 70 5.48 -4.06 24.59
N GLY A 71 4.81 -3.12 25.26
CA GLY A 71 5.12 -2.81 26.66
C GLY A 71 6.17 -1.72 26.90
N ILE A 72 6.65 -1.12 25.81
CA ILE A 72 7.70 -0.11 25.91
C ILE A 72 7.43 1.06 26.86
N LEU A 73 6.23 1.65 26.85
CA LEU A 73 5.95 2.82 27.68
C LEU A 73 5.82 2.45 29.18
N SER A 74 5.24 1.28 29.44
CA SER A 74 5.23 0.69 30.77
C SER A 74 6.64 0.59 31.34
N ILE A 75 7.60 0.23 30.50
CA ILE A 75 8.98 0.07 30.94
C ILE A 75 9.61 1.45 31.19
N PHE A 76 9.34 2.43 30.32
CA PHE A 76 9.69 3.84 30.62
C PHE A 76 9.17 4.25 31.98
N CYS A 77 7.91 3.92 32.26
CA CYS A 77 7.35 4.27 33.55
C CYS A 77 8.12 3.65 34.71
N ALA A 78 8.47 2.36 34.57
CA ALA A 78 9.17 1.66 35.63
C ALA A 78 10.57 2.24 35.80
N GLN A 79 11.25 2.50 34.69
CA GLN A 79 12.57 3.13 34.72
C GLN A 79 12.49 4.51 35.39
N ALA A 80 11.32 5.14 35.38
CA ALA A 80 11.15 6.44 36.02
C ALA A 80 10.92 6.32 37.52
N GLY A 81 10.87 5.09 38.04
CA GLY A 81 10.65 4.88 39.47
C GLY A 81 9.33 4.26 39.91
N ALA A 82 8.37 4.06 39.01
CA ALA A 82 7.06 3.52 39.43
C ALA A 82 7.24 2.18 40.16
N ARG A 83 6.49 1.95 41.23
CA ARG A 83 6.71 0.72 41.99
C ARG A 83 5.96 -0.43 41.33
N ARG A 84 4.92 -0.07 40.59
CA ARG A 84 4.05 -1.02 39.93
C ARG A 84 3.36 -0.39 38.74
N VAL A 85 3.46 -1.06 37.59
CA VAL A 85 2.76 -0.63 36.39
C VAL A 85 1.85 -1.75 35.88
N TYR A 86 0.61 -1.42 35.58
CA TYR A 86 -0.33 -2.35 34.96
C TYR A 86 -0.42 -2.02 33.48
N ALA A 87 0.10 -2.93 32.66
CA ALA A 87 0.21 -2.78 31.24
C ALA A 87 -0.95 -3.56 30.61
N VAL A 88 -2.03 -2.86 30.28
CA VAL A 88 -3.25 -3.52 29.78
C VAL A 88 -3.27 -3.55 28.23
N GLU A 89 -3.50 -4.73 27.64
CA GLU A 89 -3.39 -4.85 26.20
C GLU A 89 -4.41 -5.85 25.69
N ALA A 90 -5.27 -5.41 24.78
CA ALA A 90 -6.38 -6.25 24.25
C ALA A 90 -6.04 -7.15 23.07
N SER A 91 -4.86 -6.98 22.47
CA SER A 91 -4.47 -7.85 21.35
C SER A 91 -3.55 -8.98 21.81
N ALA A 92 -3.27 -9.94 20.93
CA ALA A 92 -2.36 -11.05 21.26
C ALA A 92 -0.93 -10.59 21.57
N ILE A 93 -0.58 -9.35 21.19
CA ILE A 93 0.77 -8.81 21.42
C ILE A 93 1.14 -8.72 22.93
N TRP A 94 0.14 -8.90 23.78
CA TRP A 94 0.38 -8.93 25.22
C TRP A 94 1.40 -10.01 25.63
N GLN A 95 1.47 -11.09 24.86
CA GLN A 95 2.47 -12.15 25.10
C GLN A 95 3.86 -11.58 24.87
N GLN A 96 4.03 -10.83 23.78
CA GLN A 96 5.32 -10.23 23.47
C GLN A 96 5.73 -9.24 24.58
N ALA A 97 4.77 -8.43 25.05
CA ALA A 97 5.02 -7.45 26.12
C ALA A 97 5.50 -8.14 27.41
N ARG A 98 4.77 -9.15 27.85
CA ARG A 98 5.19 -9.96 29.00
C ARG A 98 6.61 -10.52 28.82
N GLU A 99 6.92 -11.08 27.64
CA GLU A 99 8.30 -11.51 27.33
C GLU A 99 9.34 -10.37 27.46
N VAL A 100 9.06 -9.22 26.86
CA VAL A 100 9.97 -8.05 26.93
C VAL A 100 10.17 -7.64 28.39
N VAL A 101 9.08 -7.66 29.16
CA VAL A 101 9.17 -7.29 30.56
C VAL A 101 10.09 -8.27 31.31
N ARG A 102 9.86 -9.57 31.12
CA ARG A 102 10.70 -10.58 31.77
C ARG A 102 12.15 -10.40 31.38
N PHE A 103 12.41 -10.31 30.08
CA PHE A 103 13.75 -10.16 29.54
C PHE A 103 14.53 -8.96 30.10
N ASN A 104 13.83 -7.93 30.56
CA ASN A 104 14.47 -6.73 31.11
C ASN A 104 14.48 -6.75 32.63
N GLY A 105 14.23 -7.93 33.19
CA GLY A 105 14.16 -8.15 34.64
C GLY A 105 13.13 -7.32 35.37
N LEU A 106 11.95 -7.16 34.79
CA LEU A 106 11.01 -6.15 35.30
C LEU A 106 9.64 -6.70 35.68
N GLU A 107 9.60 -8.01 35.88
CA GLU A 107 8.36 -8.74 36.09
C GLU A 107 7.64 -8.42 37.40
N ASP A 108 8.33 -7.91 38.41
CA ASP A 108 7.61 -7.47 39.62
C ASP A 108 7.36 -5.98 39.68
N ARG A 109 7.79 -5.25 38.67
CA ARG A 109 7.43 -3.85 38.58
C ARG A 109 6.31 -3.71 37.56
N VAL A 110 6.47 -4.37 36.41
CA VAL A 110 5.46 -4.35 35.37
C VAL A 110 4.69 -5.69 35.27
N HIS A 111 3.37 -5.59 35.34
CA HIS A 111 2.48 -6.73 35.20
C HIS A 111 1.62 -6.52 33.95
N VAL A 112 1.72 -7.44 32.98
CA VAL A 112 0.95 -7.34 31.76
C VAL A 112 -0.43 -8.03 31.90
N LEU A 113 -1.51 -7.33 31.56
CA LEU A 113 -2.87 -7.87 31.72
C LEU A 113 -3.60 -7.91 30.38
N PRO A 114 -4.00 -9.11 29.94
CA PRO A 114 -4.68 -9.27 28.64
C PRO A 114 -6.13 -8.82 28.68
N GLY A 115 -6.64 -8.30 27.58
CA GLY A 115 -8.06 -8.01 27.44
C GLY A 115 -8.28 -6.52 27.28
N PRO A 116 -9.54 -6.12 27.05
CA PRO A 116 -9.79 -4.68 26.93
C PRO A 116 -9.84 -3.96 28.27
N VAL A 117 -9.34 -2.73 28.29
CA VAL A 117 -9.28 -1.93 29.51
C VAL A 117 -10.68 -1.70 30.12
N GLU A 118 -11.72 -1.79 29.28
CA GLU A 118 -13.09 -1.55 29.71
C GLU A 118 -13.51 -2.60 30.74
N THR A 119 -13.00 -3.83 30.60
CA THR A 119 -13.45 -4.93 31.44
C THR A 119 -12.38 -5.58 32.30
N VAL A 120 -11.16 -5.04 32.26
N VAL A 120 -11.14 -5.12 32.24
CA VAL A 120 -10.05 -5.50 33.08
CA VAL A 120 -10.14 -5.75 33.09
C VAL A 120 -10.35 -5.21 34.55
C VAL A 120 -10.29 -5.23 34.51
N GLU A 121 -9.83 -6.04 35.45
CA GLU A 121 -9.91 -5.75 36.87
C GLU A 121 -8.49 -5.57 37.38
N LEU A 122 -8.21 -4.38 37.89
CA LEU A 122 -6.93 -4.11 38.52
C LEU A 122 -7.09 -4.40 39.99
N PRO A 123 -5.98 -4.71 40.68
CA PRO A 123 -6.06 -4.90 42.14
C PRO A 123 -6.20 -3.59 42.91
N GLU A 124 -6.08 -2.45 42.23
CA GLU A 124 -6.11 -1.14 42.90
C GLU A 124 -6.32 -0.02 41.88
N GLN A 125 -6.87 1.09 42.36
CA GLN A 125 -6.85 2.34 41.62
C GLN A 125 -5.41 2.83 41.49
N VAL A 126 -5.16 3.71 40.51
CA VAL A 126 -3.78 4.08 40.18
C VAL A 126 -3.50 5.57 40.35
N ASP A 127 -2.22 5.90 40.42
CA ASP A 127 -1.75 7.28 40.52
C ASP A 127 -1.63 7.97 39.18
N ALA A 128 -1.44 7.19 38.12
CA ALA A 128 -1.15 7.79 36.82
C ALA A 128 -1.61 6.88 35.71
N ILE A 129 -2.10 7.49 34.64
CA ILE A 129 -2.36 6.76 33.40
C ILE A 129 -1.41 7.25 32.29
N VAL A 130 -0.82 6.31 31.57
CA VAL A 130 -0.08 6.64 30.37
C VAL A 130 -0.74 5.87 29.24
N SER A 131 -0.78 6.49 28.06
CA SER A 131 -1.35 5.86 26.89
C SER A 131 -1.00 6.62 25.61
N GLU A 132 -0.56 5.86 24.63
CA GLU A 132 -0.45 6.38 23.29
C GLU A 132 -1.65 5.86 22.49
N TRP A 133 -2.72 6.64 22.49
CA TRP A 133 -4.02 6.24 21.94
C TRP A 133 -4.41 6.93 20.64
N MET A 134 -3.57 7.83 20.15
CA MET A 134 -3.93 8.71 19.04
C MET A 134 -3.86 7.96 17.70
N GLY A 135 -4.91 8.07 16.87
CA GLY A 135 -4.87 7.58 15.52
C GLY A 135 -4.72 8.69 14.48
N TYR A 136 -4.70 8.33 13.22
CA TYR A 136 -4.77 9.32 12.15
C TYR A 136 -5.86 10.33 12.46
N GLY A 137 -5.62 11.59 12.13
CA GLY A 137 -6.59 12.65 12.38
C GLY A 137 -7.02 12.72 13.84
N LEU A 138 -6.09 12.32 14.72
CA LEU A 138 -6.28 12.18 16.18
C LEU A 138 -7.23 11.05 16.60
N LEU A 139 -8.47 11.08 16.08
CA LEU A 139 -9.58 10.22 16.58
C LEU A 139 -9.85 8.92 15.81
N HIS A 140 -9.17 8.72 14.68
CA HIS A 140 -9.30 7.44 14.00
C HIS A 140 -8.91 6.28 14.97
N GLU A 141 -9.62 5.15 14.86
CA GLU A 141 -9.51 4.04 15.81
C GLU A 141 -10.39 4.25 17.05
N SER A 142 -10.84 5.49 17.33
CA SER A 142 -11.72 5.79 18.48
C SER A 142 -11.23 5.27 19.84
N MET A 143 -9.92 5.21 20.03
CA MET A 143 -9.37 4.66 21.27
C MET A 143 -9.55 5.59 22.49
N LEU A 144 -9.78 6.88 22.26
CA LEU A 144 -9.89 7.82 23.39
C LEU A 144 -10.97 7.44 24.41
N SER A 145 -12.12 6.94 23.96
CA SER A 145 -13.12 6.32 24.86
C SER A 145 -12.55 5.44 25.94
N SER A 146 -11.63 4.58 25.53
CA SER A 146 -11.00 3.60 26.39
C SER A 146 -10.17 4.28 27.47
N VAL A 147 -9.39 5.27 27.07
CA VAL A 147 -8.56 5.99 28.02
C VAL A 147 -9.43 6.75 29.05
N LEU A 148 -10.48 7.42 28.56
CA LEU A 148 -11.40 8.15 29.43
C LEU A 148 -12.15 7.15 30.33
N HIS A 149 -12.62 6.05 29.76
CA HIS A 149 -13.23 4.98 30.57
C HIS A 149 -12.28 4.55 31.70
N ALA A 150 -11.00 4.33 31.37
CA ALA A 150 -10.02 3.94 32.37
C ALA A 150 -9.75 5.05 33.39
N ARG A 151 -9.74 6.31 32.95
CA ARG A 151 -9.55 7.42 33.86
C ARG A 151 -10.67 7.45 34.90
N THR A 152 -11.93 7.38 34.45
CA THR A 152 -13.09 7.45 35.34
C THR A 152 -13.09 6.29 36.33
N LYS A 153 -12.87 5.07 35.81
CA LYS A 153 -12.90 3.89 36.64
C LYS A 153 -11.67 3.70 37.54
N TRP A 154 -10.47 4.06 37.10
CA TRP A 154 -9.25 3.61 37.81
C TRP A 154 -8.29 4.68 38.30
N LEU A 155 -8.36 5.88 37.76
CA LEU A 155 -7.41 6.93 38.14
C LEU A 155 -7.86 7.61 39.43
N LYS A 156 -6.94 7.71 40.41
CA LYS A 156 -7.27 8.39 41.65
C LYS A 156 -7.49 9.90 41.43
N GLU A 157 -8.36 10.48 42.26
CA GLU A 157 -8.57 11.92 42.30
C GLU A 157 -7.24 12.65 42.25
N GLY A 158 -7.13 13.58 41.30
CA GLY A 158 -5.90 14.35 41.10
C GLY A 158 -4.73 13.59 40.47
N GLY A 159 -4.99 12.40 39.92
CA GLY A 159 -3.95 11.56 39.32
C GLY A 159 -3.36 12.13 38.03
N LEU A 160 -2.20 11.65 37.64
CA LEU A 160 -1.53 12.11 36.43
C LEU A 160 -1.97 11.40 35.15
N LEU A 161 -2.11 12.19 34.08
CA LEU A 161 -2.42 11.72 32.73
C LEU A 161 -1.29 12.07 31.80
N LEU A 162 -0.75 11.06 31.11
CA LEU A 162 0.32 11.25 30.12
C LEU A 162 -0.11 10.75 28.72
N PRO A 163 -0.24 11.66 27.73
CA PRO A 163 -0.20 13.13 27.84
C PRO A 163 -1.50 13.67 28.44
N ALA A 164 -1.52 14.95 28.78
CA ALA A 164 -2.63 15.52 29.53
C ALA A 164 -3.76 16.07 28.64
N SER A 165 -3.42 16.48 27.43
CA SER A 165 -4.36 17.15 26.55
C SER A 165 -3.95 16.99 25.09
N ALA A 166 -4.91 17.26 24.20
CA ALA A 166 -4.73 17.16 22.76
C ALA A 166 -5.34 18.37 22.06
N GLU A 167 -4.76 18.78 20.93
CA GLU A 167 -5.33 19.86 20.13
C GLU A 167 -5.42 19.53 18.65
N LEU A 168 -6.44 20.02 17.96
CA LEU A 168 -6.56 19.76 16.52
C LEU A 168 -6.38 21.02 15.70
N PHE A 169 -5.75 20.88 14.53
CA PHE A 169 -5.48 22.01 13.68
C PHE A 169 -5.89 21.76 12.24
N ILE A 170 -6.29 22.84 11.57
CA ILE A 170 -6.67 22.78 10.18
C ILE A 170 -6.07 23.92 9.40
N ALA A 171 -5.68 23.65 8.16
CA ALA A 171 -5.15 24.68 7.27
C ALA A 171 -5.50 24.33 5.84
N PRO A 172 -5.75 25.35 5.00
CA PRO A 172 -5.90 25.09 3.57
C PRO A 172 -4.53 24.73 2.97
N ILE A 173 -4.51 23.87 1.96
CA ILE A 173 -3.23 23.39 1.45
C ILE A 173 -3.20 23.37 -0.09
N SER A 174 -1.99 23.49 -0.63
CA SER A 174 -1.71 23.14 -2.02
C SER A 174 -0.72 22.00 -1.93
N ASP A 175 -1.12 20.82 -2.38
CA ASP A 175 -0.30 19.62 -2.24
C ASP A 175 0.53 19.46 -3.52
N GLN A 176 1.80 19.85 -3.46
CA GLN A 176 2.67 19.83 -4.66
C GLN A 176 2.79 18.43 -5.28
N MET A 177 2.90 17.38 -4.44
CA MET A 177 2.96 16.00 -4.94
C MET A 177 1.70 15.62 -5.72
N LEU A 178 0.53 16.04 -5.24
CA LEU A 178 -0.71 15.80 -5.97
C LEU A 178 -0.69 16.60 -7.27
N GLU A 179 -0.26 17.86 -7.18
CA GLU A 179 -0.22 18.70 -8.34
C GLU A 179 0.58 18.01 -9.46
N TRP A 180 1.69 17.38 -9.10
CA TRP A 180 2.54 16.69 -10.07
C TRP A 180 1.89 15.47 -10.65
N ARG A 181 0.99 14.86 -9.88
CA ARG A 181 0.28 13.70 -10.34
C ARG A 181 -0.81 14.11 -11.34
N LEU A 182 -1.44 15.26 -11.09
CA LEU A 182 -2.45 15.81 -12.03
C LEU A 182 -1.79 16.28 -13.32
N GLY A 183 -0.61 16.89 -13.19
CA GLY A 183 0.11 17.44 -14.34
C GLY A 183 0.89 16.40 -15.14
N PHE A 184 0.96 15.16 -14.62
CA PHE A 184 1.68 14.08 -15.28
C PHE A 184 1.22 13.89 -16.74
N TRP A 185 -0.09 13.84 -16.93
CA TRP A 185 -0.67 13.59 -18.24
C TRP A 185 -0.29 14.61 -19.33
N SER A 186 0.02 15.84 -18.90
CA SER A 186 0.51 16.89 -19.83
C SER A 186 1.95 16.70 -20.24
N GLN A 187 2.66 15.82 -19.55
CA GLN A 187 4.08 15.60 -19.83
C GLN A 187 4.31 14.39 -20.70
N VAL A 188 3.24 13.64 -20.98
CA VAL A 188 3.35 12.41 -21.76
C VAL A 188 3.84 12.66 -23.20
N LYS A 189 3.34 13.73 -23.84
CA LYS A 189 3.79 14.09 -25.19
C LYS A 189 5.32 14.26 -25.30
N GLN A 190 5.89 15.04 -24.37
CA GLN A 190 7.32 15.33 -24.35
C GLN A 190 8.18 14.09 -24.47
N HIS A 191 7.84 13.02 -23.75
CA HIS A 191 8.65 11.84 -23.80
C HIS A 191 8.16 10.74 -24.74
N TYR A 192 6.86 10.66 -24.98
CA TYR A 192 6.37 9.52 -25.74
C TYR A 192 5.74 9.87 -27.07
N GLY A 193 5.49 11.15 -27.32
CA GLY A 193 4.92 11.55 -28.60
C GLY A 193 3.44 11.28 -28.73
N VAL A 194 2.74 11.11 -27.61
CA VAL A 194 1.27 11.01 -27.59
C VAL A 194 0.73 12.06 -26.65
N ASP A 195 -0.26 12.83 -27.07
CA ASP A 195 -0.78 13.89 -26.23
C ASP A 195 -1.88 13.31 -25.34
N MET A 196 -1.60 13.24 -24.03
CA MET A 196 -2.59 12.68 -23.11
C MET A 196 -3.05 13.72 -22.12
N SER A 197 -2.88 15.00 -22.48
CA SER A 197 -3.17 16.07 -21.54
C SER A 197 -4.66 16.18 -21.27
N CYS A 198 -5.47 15.56 -22.14
CA CYS A 198 -6.92 15.52 -22.02
C CYS A 198 -7.35 14.61 -20.86
N LEU A 199 -6.43 13.84 -20.29
CA LEU A 199 -6.74 13.00 -19.11
C LEU A 199 -6.62 13.71 -17.75
N GLU A 200 -6.22 14.97 -17.76
CA GLU A 200 -6.19 15.74 -16.50
C GLU A 200 -7.51 15.71 -15.73
N GLY A 201 -8.63 15.91 -16.44
CA GLY A 201 -9.95 15.91 -15.83
C GLY A 201 -10.24 14.60 -15.12
N PHE A 202 -9.88 13.50 -15.77
CA PHE A 202 -10.13 12.18 -15.25
C PHE A 202 -9.24 11.87 -14.06
N ALA A 203 -8.00 12.34 -14.12
CA ALA A 203 -7.06 12.22 -13.00
C ALA A 203 -7.61 12.93 -11.77
N THR A 204 -8.13 14.13 -11.98
CA THR A 204 -8.70 14.94 -10.93
C THR A 204 -9.86 14.22 -10.22
N ARG A 205 -10.81 13.69 -11.00
CA ARG A 205 -11.96 12.97 -10.46
C ARG A 205 -11.51 11.73 -9.68
N CYS A 206 -10.50 11.01 -10.16
CA CYS A 206 -9.97 9.88 -9.41
C CYS A 206 -9.26 10.30 -8.12
N LEU A 207 -8.37 11.29 -8.18
CA LEU A 207 -7.53 11.59 -7.02
C LEU A 207 -8.14 12.61 -6.08
N MET A 208 -9.10 13.41 -6.57
CA MET A 208 -9.68 14.47 -5.72
C MET A 208 -11.17 14.26 -5.46
N GLY A 209 -11.87 13.60 -6.38
CA GLY A 209 -13.34 13.51 -6.31
C GLY A 209 -13.94 12.43 -5.40
N HIS A 210 -13.13 11.52 -4.88
CA HIS A 210 -13.59 10.51 -3.94
C HIS A 210 -13.88 11.17 -2.57
N SER A 211 -14.34 10.37 -1.62
CA SER A 211 -14.71 10.83 -0.27
C SER A 211 -13.88 10.22 0.84
N GLU A 212 -12.61 9.98 0.59
CA GLU A 212 -11.79 9.29 1.53
C GLU A 212 -10.79 10.24 2.19
N ILE A 213 -10.56 10.05 3.48
CA ILE A 213 -9.53 10.81 4.15
C ILE A 213 -8.20 10.17 3.74
N VAL A 214 -7.26 11.00 3.26
CA VAL A 214 -5.94 10.51 2.81
C VAL A 214 -4.83 10.86 3.80
N VAL A 215 -4.13 9.83 4.26
CA VAL A 215 -2.98 10.01 5.12
C VAL A 215 -1.74 10.17 4.27
N GLN A 216 -1.26 11.40 4.13
CA GLN A 216 -0.09 11.69 3.32
C GLN A 216 0.70 12.80 4.00
N GLY A 217 2.01 12.79 3.83
CA GLY A 217 2.85 13.80 4.49
C GLY A 217 3.00 15.00 3.59
N LEU A 218 2.90 16.20 4.17
CA LEU A 218 3.05 17.46 3.45
C LEU A 218 4.28 18.21 3.92
N SER A 219 4.73 19.12 3.07
CA SER A 219 5.74 20.09 3.39
C SER A 219 5.08 21.31 4.02
N GLY A 220 5.83 22.07 4.82
CA GLY A 220 5.37 23.36 5.28
C GLY A 220 5.06 24.30 4.13
N GLU A 221 5.76 24.10 3.00
CA GLU A 221 5.58 24.90 1.80
C GLU A 221 4.22 24.62 1.14
N ASP A 222 3.56 23.54 1.54
CA ASP A 222 2.23 23.20 1.07
C ASP A 222 1.13 23.94 1.84
N VAL A 223 1.47 24.59 2.96
CA VAL A 223 0.46 25.26 3.79
C VAL A 223 0.15 26.69 3.27
N LEU A 224 -1.13 26.97 3.05
CA LEU A 224 -1.55 28.20 2.38
C LEU A 224 -2.02 29.33 3.29
N ALA A 225 -2.18 29.05 4.57
CA ALA A 225 -2.64 30.07 5.51
C ALA A 225 -2.22 29.66 6.92
N ARG A 226 -2.31 30.58 7.86
CA ARG A 226 -2.03 30.26 9.26
C ARG A 226 -2.91 29.11 9.77
N PRO A 227 -2.28 28.08 10.37
CA PRO A 227 -3.06 26.97 10.89
C PRO A 227 -4.00 27.39 12.02
N GLN A 228 -5.22 26.86 11.98
CA GLN A 228 -6.30 27.21 12.88
C GLN A 228 -6.58 26.05 13.84
N ARG A 229 -6.52 26.33 15.14
CA ARG A 229 -6.89 25.33 16.11
C ARG A 229 -8.42 25.24 16.09
N PHE A 230 -8.96 24.02 15.96
CA PHE A 230 -10.41 23.85 15.92
C PHE A 230 -11.01 22.94 17.01
N ALA A 231 -10.14 22.39 17.87
CA ALA A 231 -10.57 21.61 19.05
C ALA A 231 -9.42 21.54 20.06
N GLN A 232 -9.79 21.60 21.34
CA GLN A 232 -8.86 21.44 22.45
C GLN A 232 -9.47 20.35 23.32
N LEU A 233 -8.73 19.28 23.58
CA LEU A 233 -9.26 18.19 24.41
C LEU A 233 -8.52 18.11 25.73
N GLU A 234 -9.21 18.49 26.79
CA GLU A 234 -8.62 18.47 28.12
C GLU A 234 -9.01 17.15 28.77
N LEU A 235 -8.07 16.20 28.81
CA LEU A 235 -8.40 14.83 29.19
C LEU A 235 -8.96 14.65 30.62
N SER A 236 -8.60 15.55 31.55
CA SER A 236 -9.10 15.45 32.93
C SER A 236 -10.59 15.83 33.09
N ARG A 237 -11.22 16.33 32.03
CA ARG A 237 -12.58 16.83 32.15
C ARG A 237 -13.65 15.72 32.06
N ALA A 238 -14.39 15.54 33.15
CA ALA A 238 -15.60 14.70 33.10
C ALA A 238 -16.57 15.37 32.14
N GLY A 239 -17.26 14.58 31.33
CA GLY A 239 -18.10 15.15 30.30
C GLY A 239 -17.43 15.10 28.94
N LEU A 240 -16.10 15.03 28.95
CA LEU A 240 -15.35 14.92 27.70
C LEU A 240 -15.78 13.69 26.94
N GLU A 241 -16.02 12.60 27.68
CA GLU A 241 -16.51 11.33 27.12
C GLU A 241 -17.75 11.55 26.22
N GLN A 242 -18.75 12.26 26.75
CA GLN A 242 -20.05 12.44 26.08
C GLN A 242 -19.96 13.30 24.82
N GLU A 243 -19.05 14.27 24.83
CA GLU A 243 -18.82 15.12 23.65
C GLU A 243 -18.31 14.33 22.44
N LEU A 244 -17.33 13.44 22.65
CA LEU A 244 -16.84 12.60 21.55
C LEU A 244 -17.95 12.05 20.64
N GLU A 245 -19.10 11.70 21.25
CA GLU A 245 -20.21 11.16 20.47
C GLU A 245 -20.93 12.24 19.65
N ALA A 246 -21.18 13.41 20.24
CA ALA A 246 -21.70 14.55 19.50
C ALA A 246 -20.79 14.97 18.30
N GLY A 247 -19.48 14.81 18.48
CA GLY A 247 -18.48 15.19 17.49
C GLY A 247 -17.53 16.21 18.08
N VAL A 248 -16.25 16.16 17.72
CA VAL A 248 -15.35 17.25 18.07
C VAL A 248 -15.08 18.16 16.85
N GLY A 249 -14.99 19.48 17.10
CA GLY A 249 -14.78 20.47 16.05
C GLY A 249 -15.54 21.78 16.24
N GLY A 250 -15.82 22.47 15.13
CA GLY A 250 -16.41 23.80 15.15
C GLY A 250 -15.92 24.62 13.97
N ARG A 251 -16.13 25.93 14.01
CA ARG A 251 -15.74 26.79 12.90
C ARG A 251 -14.26 27.12 12.82
N PHE A 252 -13.84 27.56 11.63
CA PHE A 252 -12.48 27.99 11.41
C PHE A 252 -12.58 29.12 10.42
N ARG A 253 -11.57 29.98 10.38
CA ARG A 253 -11.45 31.01 9.36
C ARG A 253 -9.98 31.38 9.30
N CYS A 254 -9.51 31.69 8.09
CA CYS A 254 -8.14 32.14 7.89
C CYS A 254 -8.03 32.88 6.56
N SER A 255 -6.87 33.47 6.33
CA SER A 255 -6.60 34.22 5.12
C SER A 255 -5.29 33.74 4.46
N CYS A 256 -5.32 33.53 3.14
CA CYS A 256 -4.22 32.87 2.41
C CYS A 256 -2.97 33.73 2.27
N TYR A 257 -1.81 33.09 2.16
CA TYR A 257 -0.51 33.79 2.03
C TYR A 257 -0.19 34.33 0.64
N GLY A 258 -0.65 33.63 -0.41
CA GLY A 258 -0.23 33.97 -1.78
C GLY A 258 -1.01 33.23 -2.83
N SER A 259 -0.57 33.30 -4.07
CA SER A 259 -1.22 32.59 -5.17
C SER A 259 -0.91 31.08 -5.15
N ALA A 260 -1.94 30.26 -5.38
CA ALA A 260 -1.79 28.81 -5.39
C ALA A 260 -3.07 28.11 -5.83
N PRO A 261 -2.92 26.90 -6.40
CA PRO A 261 -4.08 26.04 -6.56
C PRO A 261 -4.38 25.31 -5.24
N MET A 262 -5.42 25.74 -4.55
CA MET A 262 -5.82 25.08 -3.31
C MET A 262 -6.49 23.74 -3.63
N HIS A 263 -5.99 22.68 -2.99
CA HIS A 263 -6.51 21.34 -3.18
C HIS A 263 -7.48 20.89 -2.10
N GLY A 264 -7.46 21.57 -0.97
CA GLY A 264 -8.26 21.15 0.16
C GLY A 264 -7.62 21.55 1.48
N PHE A 265 -7.84 20.73 2.51
CA PHE A 265 -7.35 21.02 3.85
C PHE A 265 -6.53 19.84 4.40
N ALA A 266 -5.60 20.16 5.28
CA ALA A 266 -4.90 19.18 6.08
C ALA A 266 -5.29 19.42 7.53
N ILE A 267 -5.50 18.34 8.25
CA ILE A 267 -5.61 18.43 9.69
C ILE A 267 -4.49 17.62 10.33
N TRP A 268 -4.13 17.99 11.55
CA TRP A 268 -3.11 17.29 12.31
C TRP A 268 -3.36 17.65 13.77
N PHE A 269 -2.52 17.16 14.67
CA PHE A 269 -2.78 17.34 16.09
C PHE A 269 -1.49 17.45 16.87
N GLN A 270 -1.61 17.90 18.11
CA GLN A 270 -0.52 17.75 19.07
C GLN A 270 -1.08 17.27 20.40
N VAL A 271 -0.20 16.71 21.23
CA VAL A 271 -0.57 16.29 22.57
C VAL A 271 0.48 16.87 23.50
N THR A 272 0.12 17.12 24.75
CA THR A 272 1.01 17.80 25.68
C THR A 272 1.18 17.01 26.98
N PHE A 273 2.44 16.81 27.35
CA PHE A 273 2.81 16.20 28.60
C PHE A 273 3.12 17.32 29.55
N PRO A 274 2.55 17.31 30.76
CA PRO A 274 2.92 18.37 31.69
C PRO A 274 4.42 18.32 32.01
N GLY A 275 5.02 19.50 32.22
CA GLY A 275 6.39 19.58 32.76
C GLY A 275 6.32 18.99 34.16
N GLY A 276 7.44 18.55 34.70
CA GLY A 276 7.41 18.06 36.06
C GLY A 276 7.90 19.12 37.00
N GLU A 277 8.84 18.73 37.84
CA GLU A 277 9.62 19.66 38.66
C GLU A 277 10.34 20.66 37.77
N SER A 278 11.07 20.15 36.77
CA SER A 278 11.79 20.99 35.79
C SER A 278 10.86 22.01 35.12
N GLU A 279 9.58 21.63 35.03
CA GLU A 279 8.49 22.55 34.71
C GLU A 279 8.51 23.09 33.29
N LYS A 280 8.91 22.27 32.34
CA LYS A 280 8.57 22.60 30.96
C LYS A 280 7.83 21.51 30.20
N PRO A 281 6.62 21.84 29.71
CA PRO A 281 5.76 20.86 29.06
C PRO A 281 6.35 20.41 27.73
N LEU A 282 6.26 19.10 27.46
CA LEU A 282 6.70 18.55 26.20
C LEU A 282 5.49 18.36 25.28
N VAL A 283 5.60 18.89 24.07
CA VAL A 283 4.55 18.84 23.07
C VAL A 283 4.97 17.84 21.99
N LEU A 284 4.09 16.89 21.68
CA LEU A 284 4.29 15.99 20.57
C LEU A 284 3.45 16.49 19.43
N SER A 285 4.10 17.00 18.38
CA SER A 285 3.40 17.59 17.26
C SER A 285 3.42 16.74 16.01
N THR A 286 2.31 16.76 15.26
CA THR A 286 2.28 16.12 13.94
C THR A 286 2.14 17.13 12.82
N SER A 287 2.39 18.39 13.12
CA SER A 287 2.38 19.47 12.13
C SER A 287 3.45 19.29 11.03
N PRO A 288 3.11 19.66 9.78
CA PRO A 288 4.09 19.69 8.68
C PRO A 288 5.23 20.71 8.94
N PHE A 289 5.09 21.56 9.95
CA PHE A 289 6.18 22.45 10.31
C PHE A 289 7.20 21.77 11.23
N HIS A 290 6.91 20.53 11.61
CA HIS A 290 7.77 19.81 12.51
C HIS A 290 8.22 18.53 11.89
N PRO A 291 9.25 17.89 12.51
CA PRO A 291 9.71 16.61 11.95
C PRO A 291 8.58 15.58 11.78
N ALA A 292 8.65 14.84 10.67
CA ALA A 292 7.62 13.89 10.30
C ALA A 292 7.42 12.79 11.35
N THR A 293 6.17 12.36 11.50
CA THR A 293 5.82 11.24 12.34
C THR A 293 5.05 10.21 11.48
N HIS A 294 4.77 9.04 12.05
CA HIS A 294 4.10 7.99 11.29
C HIS A 294 2.64 8.37 11.02
N TRP A 295 2.16 9.38 11.74
CA TRP A 295 0.79 9.87 11.57
C TRP A 295 0.67 10.75 10.33
N LYS A 296 1.78 11.34 9.90
CA LYS A 296 1.80 12.22 8.73
C LYS A 296 0.78 13.34 8.95
N GLN A 297 -0.04 13.64 7.94
CA GLN A 297 -1.19 14.52 8.10
C GLN A 297 -2.42 13.87 7.45
N ALA A 298 -3.63 14.31 7.83
CA ALA A 298 -4.84 13.77 7.21
C ALA A 298 -5.39 14.77 6.22
N LEU A 299 -5.56 14.31 4.97
CA LEU A 299 -5.86 15.23 3.87
C LEU A 299 -7.32 15.14 3.41
N LEU A 300 -7.94 16.31 3.28
CA LEU A 300 -9.34 16.45 2.89
C LEU A 300 -9.41 17.22 1.57
N TYR A 301 -9.41 16.48 0.46
CA TYR A 301 -9.33 17.08 -0.86
C TYR A 301 -10.69 17.56 -1.31
N LEU A 302 -10.74 18.77 -1.87
CA LEU A 302 -11.92 19.24 -2.54
C LEU A 302 -12.12 18.39 -3.80
N ASN A 303 -13.30 18.48 -4.43
CA ASN A 303 -13.52 17.75 -5.69
C ASN A 303 -12.57 18.12 -6.84
N GLU A 304 -12.18 19.39 -6.90
CA GLU A 304 -11.14 19.86 -7.82
C GLU A 304 -10.44 21.12 -7.24
N PRO A 305 -9.29 21.51 -7.81
CA PRO A 305 -8.58 22.68 -7.28
C PRO A 305 -9.40 23.96 -7.41
N VAL A 306 -9.05 24.93 -6.58
CA VAL A 306 -9.63 26.24 -6.66
C VAL A 306 -8.46 27.19 -6.56
N GLN A 307 -8.41 28.20 -7.41
CA GLN A 307 -7.34 29.19 -7.35
C GLN A 307 -7.53 30.16 -6.20
N VAL A 308 -6.50 30.35 -5.39
CA VAL A 308 -6.54 31.37 -4.34
C VAL A 308 -5.43 32.41 -4.56
N GLU A 309 -5.63 33.62 -4.03
CA GLU A 309 -4.63 34.69 -4.00
C GLU A 309 -4.25 35.02 -2.56
N GLN A 310 -3.22 35.83 -2.42
CA GLN A 310 -2.94 36.45 -1.15
C GLN A 310 -4.22 37.08 -0.63
N ASP A 311 -4.48 36.90 0.67
CA ASP A 311 -5.69 37.40 1.36
C ASP A 311 -7.01 36.83 0.89
N THR A 312 -7.00 35.74 0.13
CA THR A 312 -8.25 35.02 -0.08
C THR A 312 -8.65 34.48 1.28
N ASP A 313 -9.83 34.89 1.74
CA ASP A 313 -10.43 34.37 2.97
C ASP A 313 -10.94 32.93 2.76
N VAL A 314 -10.69 32.05 3.73
CA VAL A 314 -11.18 30.68 3.68
C VAL A 314 -11.85 30.44 5.04
N SER A 315 -13.09 29.95 5.01
CA SER A 315 -13.80 29.71 6.26
C SER A 315 -14.72 28.51 6.16
N GLY A 316 -15.12 28.00 7.31
CA GLY A 316 -16.12 26.96 7.34
C GLY A 316 -16.23 26.29 8.69
N GLU A 317 -16.65 25.03 8.67
CA GLU A 317 -16.84 24.25 9.89
C GLU A 317 -16.47 22.80 9.61
N ILE A 318 -15.92 22.16 10.64
CA ILE A 318 -15.41 20.80 10.53
C ILE A 318 -15.85 20.00 11.75
N THR A 319 -16.27 18.76 11.53
CA THR A 319 -16.67 17.90 12.64
C THR A 319 -15.97 16.56 12.47
N LEU A 320 -15.29 16.12 13.52
CA LEU A 320 -14.70 14.79 13.55
C LEU A 320 -15.60 13.86 14.37
N LEU A 321 -16.00 12.74 13.77
CA LEU A 321 -16.87 11.79 14.45
C LEU A 321 -16.73 10.34 13.95
N PRO A 322 -17.17 9.37 14.76
CA PRO A 322 -17.06 7.97 14.38
C PRO A 322 -18.14 7.63 13.34
N SER A 323 -17.83 6.77 12.37
CA SER A 323 -18.83 6.30 11.38
C SER A 323 -19.97 5.56 12.07
N ARG A 324 -21.16 5.55 11.48
CA ARG A 324 -22.27 4.80 12.10
C ARG A 324 -21.95 3.31 12.00
N ASP A 325 -21.60 2.86 10.80
CA ASP A 325 -21.44 1.43 10.55
C ASP A 325 -20.18 0.81 11.19
N ASN A 326 -19.16 1.64 11.43
CA ASN A 326 -17.93 1.21 12.08
C ASN A 326 -17.40 2.29 13.03
N PRO A 327 -17.67 2.13 14.34
CA PRO A 327 -17.33 3.12 15.38
C PRO A 327 -15.86 3.52 15.41
N ARG A 328 -14.98 2.66 14.91
CA ARG A 328 -13.53 2.93 14.91
C ARG A 328 -13.03 3.70 13.69
N ARG A 329 -13.90 3.84 12.67
CA ARG A 329 -13.56 4.55 11.45
C ARG A 329 -13.89 6.03 11.56
N LEU A 330 -12.86 6.87 11.53
CA LEU A 330 -13.06 8.32 11.55
C LEU A 330 -13.88 8.86 10.36
N ARG A 331 -14.82 9.74 10.68
CA ARG A 331 -15.63 10.43 9.70
C ARG A 331 -15.38 11.93 9.87
N VAL A 332 -15.29 12.67 8.78
CA VAL A 332 -15.12 14.10 8.85
C VAL A 332 -16.22 14.75 8.03
N LEU A 333 -16.98 15.66 8.67
CA LEU A 333 -17.99 16.45 7.95
C LEU A 333 -17.44 17.85 7.80
N LEU A 334 -17.25 18.27 6.55
CA LEU A 334 -16.70 19.57 6.21
C LEU A 334 -17.68 20.50 5.53
N ARG A 335 -17.69 21.74 5.98
CA ARG A 335 -18.42 22.81 5.28
C ARG A 335 -17.43 23.95 5.10
N TYR A 336 -17.37 24.52 3.90
CA TYR A 336 -16.34 25.53 3.64
C TYR A 336 -16.71 26.53 2.55
N LYS A 337 -16.00 27.66 2.58
CA LYS A 337 -16.24 28.77 1.69
C LYS A 337 -14.90 29.37 1.33
N VAL A 338 -14.54 29.33 0.06
CA VAL A 338 -13.30 29.95 -0.40
C VAL A 338 -13.57 31.27 -1.10
N GLY A 339 -13.00 32.35 -0.56
CA GLY A 339 -13.21 33.68 -1.10
C GLY A 339 -14.68 34.00 -1.18
N ASP A 340 -15.11 34.55 -2.30
CA ASP A 340 -16.52 34.88 -2.46
C ASP A 340 -17.31 33.80 -3.19
N GLN A 341 -16.65 32.72 -3.60
CA GLN A 341 -17.32 31.48 -4.03
C GLN A 341 -18.41 31.03 -3.01
N GLU A 342 -19.45 30.36 -3.49
CA GLU A 342 -20.51 29.91 -2.61
C GLU A 342 -20.06 28.76 -1.70
N GLU A 343 -20.70 28.67 -0.54
CA GLU A 343 -20.41 27.64 0.43
C GLU A 343 -20.58 26.25 -0.18
N LYS A 344 -19.67 25.33 0.11
CA LYS A 344 -19.79 23.95 -0.32
C LYS A 344 -19.60 22.98 0.84
N THR A 345 -19.87 21.71 0.57
CA THR A 345 -20.06 20.72 1.61
C THR A 345 -19.38 19.42 1.15
N LYS A 346 -18.77 18.67 2.07
CA LYS A 346 -18.18 17.38 1.71
C LYS A 346 -17.96 16.53 2.95
N ASP A 347 -18.27 15.24 2.83
CA ASP A 347 -18.14 14.24 3.91
C ASP A 347 -17.09 13.16 3.59
N PHE A 348 -16.22 12.87 4.54
CA PHE A 348 -15.10 11.97 4.29
C PHE A 348 -15.15 10.85 5.30
N ALA A 349 -14.55 9.71 4.95
CA ALA A 349 -14.36 8.62 5.89
C ALA A 349 -12.95 8.09 5.71
N MET A 350 -12.31 7.72 6.82
CA MET A 350 -10.95 7.26 6.75
C MET A 350 -10.74 6.16 5.73
N GLU A 351 -9.68 6.38 4.96
CA GLU A 351 -9.03 5.46 4.05
C GLU A 351 -8.95 4.04 4.62
N ASP A 352 -9.12 3.05 3.77
CA ASP A 352 -8.70 1.70 4.14
C ASP A 352 -7.17 1.58 4.22
N SER B 1 -33.32 -29.74 -25.31
CA SER B 1 -33.91 -30.11 -23.99
C SER B 1 -32.92 -30.86 -23.10
N ILE B 2 -32.28 -31.90 -23.66
CA ILE B 2 -31.02 -32.41 -23.13
C ILE B 2 -29.96 -31.31 -23.33
N ALA B 3 -29.94 -30.74 -24.54
CA ALA B 3 -29.13 -29.55 -24.84
C ALA B 3 -29.42 -28.39 -23.86
N ALA B 4 -30.71 -28.16 -23.59
CA ALA B 4 -31.15 -27.08 -22.69
C ALA B 4 -30.67 -27.27 -21.25
N GLU B 5 -30.81 -28.51 -20.76
CA GLU B 5 -30.39 -28.91 -19.41
C GLU B 5 -28.88 -28.79 -19.18
N ARG B 6 -28.13 -29.07 -20.25
CA ARG B 6 -26.68 -28.98 -20.23
C ARG B 6 -26.24 -27.52 -20.08
N GLU B 7 -26.91 -26.60 -20.77
CA GLU B 7 -26.70 -25.16 -20.60
C GLU B 7 -27.05 -24.71 -19.19
N ALA B 8 -28.15 -25.24 -18.66
CA ALA B 8 -28.59 -24.90 -17.29
C ALA B 8 -27.60 -25.38 -16.23
N ALA B 9 -26.86 -26.43 -16.54
CA ALA B 9 -25.82 -26.99 -15.67
C ALA B 9 -24.57 -26.06 -15.56
N LEU B 10 -24.18 -25.46 -16.70
CA LEU B 10 -23.06 -24.53 -16.74
C LEU B 10 -23.39 -23.08 -16.38
N GLU B 11 -24.66 -22.77 -16.15
CA GLU B 11 -25.06 -21.37 -15.98
C GLU B 11 -24.44 -20.74 -14.72
N ARG B 12 -24.53 -21.47 -13.61
CA ARG B 12 -23.93 -21.06 -12.34
C ARG B 12 -22.39 -20.75 -12.38
N PRO B 13 -21.54 -21.71 -12.83
CA PRO B 13 -20.11 -21.39 -12.95
C PRO B 13 -19.78 -20.27 -13.97
N ARG B 14 -20.50 -20.23 -15.09
CA ARG B 14 -20.33 -19.15 -16.09
C ARG B 14 -20.62 -17.75 -15.53
N ARG B 15 -21.55 -17.66 -14.58
CA ARG B 15 -21.94 -16.38 -14.00
C ARG B 15 -20.93 -15.94 -12.95
N THR B 16 -20.49 -16.88 -12.12
CA THR B 16 -19.45 -16.63 -11.11
C THR B 16 -18.17 -16.07 -11.77
N LYS B 17 -17.83 -16.62 -12.93
CA LYS B 17 -16.66 -16.20 -13.67
C LYS B 17 -16.86 -14.81 -14.29
N ARG B 18 -18.02 -14.57 -14.88
CA ARG B 18 -18.38 -13.23 -15.35
C ARG B 18 -18.27 -12.20 -14.22
N GLU B 19 -18.79 -12.54 -13.04
CA GLU B 19 -18.70 -11.66 -11.89
C GLU B 19 -17.25 -11.46 -11.46
N ARG B 20 -16.46 -12.52 -11.46
CA ARG B 20 -15.04 -12.45 -11.13
C ARG B 20 -14.29 -11.55 -12.12
N ASP B 21 -14.48 -11.78 -13.42
CA ASP B 21 -13.85 -10.99 -14.46
C ASP B 21 -14.18 -9.51 -14.35
N GLN B 22 -15.40 -9.23 -13.92
CA GLN B 22 -15.86 -7.88 -13.82
C GLN B 22 -15.13 -7.15 -12.67
N LEU B 23 -14.87 -7.86 -11.59
CA LEU B 23 -14.07 -7.31 -10.46
C LEU B 23 -12.63 -7.01 -10.88
N TYR B 24 -12.07 -7.91 -11.68
CA TYR B 24 -10.73 -7.74 -12.19
C TYR B 24 -10.62 -6.55 -13.13
N TYR B 25 -11.55 -6.39 -14.06
CA TYR B 25 -11.50 -5.26 -14.99
C TYR B 25 -11.63 -3.94 -14.27
N GLU B 26 -12.34 -3.95 -13.15
CA GLU B 26 -12.49 -2.75 -12.33
C GLU B 26 -11.18 -2.30 -11.72
N CYS B 27 -10.27 -3.25 -11.52
CA CYS B 27 -8.93 -2.94 -11.02
C CYS B 27 -8.20 -1.98 -11.93
N TYR B 28 -8.75 -1.74 -13.12
CA TYR B 28 -8.09 -0.92 -14.11
C TYR B 28 -8.89 0.32 -14.51
N SER B 29 -9.95 0.61 -13.75
CA SER B 29 -10.84 1.75 -14.07
C SER B 29 -10.36 3.07 -13.49
N ASP B 30 -9.38 3.03 -12.60
CA ASP B 30 -8.89 4.23 -11.92
C ASP B 30 -7.57 4.70 -12.57
N VAL B 31 -7.31 6.00 -12.50
CA VAL B 31 -6.10 6.61 -13.08
C VAL B 31 -4.74 6.03 -12.60
N SER B 32 -4.63 5.60 -11.35
CA SER B 32 -3.28 5.39 -10.75
C SER B 32 -2.47 4.27 -11.41
N VAL B 33 -3.16 3.18 -11.70
CA VAL B 33 -2.60 2.01 -12.31
C VAL B 33 -2.04 2.34 -13.72
N HIS B 34 -2.73 3.21 -14.46
CA HIS B 34 -2.23 3.65 -15.75
C HIS B 34 -1.08 4.63 -15.62
N GLU B 35 -1.22 5.58 -14.70
CA GLU B 35 -0.11 6.47 -14.32
C GLU B 35 1.12 5.64 -14.06
N GLU B 36 1.01 4.63 -13.20
CA GLU B 36 2.16 3.78 -12.90
C GLU B 36 2.75 3.14 -14.16
N MET B 37 1.89 2.62 -15.04
CA MET B 37 2.33 1.91 -16.24
C MET B 37 3.04 2.80 -17.26
N ILE B 38 2.48 3.98 -17.49
CA ILE B 38 3.08 4.96 -18.39
C ILE B 38 4.26 5.71 -17.77
N ALA B 39 4.29 5.90 -16.45
CA ALA B 39 5.54 6.39 -15.83
C ALA B 39 6.70 5.37 -15.87
N ASP B 40 6.38 4.08 -16.02
CA ASP B 40 7.39 3.05 -16.19
C ASP B 40 8.01 3.16 -17.61
N ARG B 41 9.11 3.90 -17.71
CA ARG B 41 9.72 4.22 -18.99
C ARG B 41 10.35 3.02 -19.68
N VAL B 42 10.94 2.15 -18.88
CA VAL B 42 11.49 0.90 -19.41
C VAL B 42 10.39 0.10 -20.10
N ARG B 43 9.26 -0.10 -19.41
CA ARG B 43 8.11 -0.79 -20.00
C ARG B 43 7.67 -0.07 -21.27
N THR B 44 7.38 1.22 -21.16
CA THR B 44 6.67 1.90 -22.22
C THR B 44 7.55 2.13 -23.45
N ASP B 45 8.84 2.39 -23.23
CA ASP B 45 9.77 2.59 -24.33
C ASP B 45 10.10 1.29 -25.05
N ALA B 46 10.15 0.18 -24.31
CA ALA B 46 10.38 -1.13 -24.92
C ALA B 46 9.25 -1.47 -25.89
N TYR B 47 8.01 -1.16 -25.52
CA TYR B 47 6.88 -1.38 -26.44
C TYR B 47 6.93 -0.47 -27.68
N ARG B 48 7.11 0.82 -27.43
CA ARG B 48 7.27 1.82 -28.48
C ARG B 48 8.34 1.41 -29.50
N LEU B 49 9.57 1.19 -29.04
CA LEU B 49 10.70 0.71 -29.87
C LEU B 49 10.45 -0.66 -30.48
N GLY B 50 9.82 -1.55 -29.72
CA GLY B 50 9.45 -2.87 -30.23
C GLY B 50 8.49 -2.77 -31.39
N ILE B 51 7.50 -1.89 -31.25
CA ILE B 51 6.57 -1.57 -32.32
C ILE B 51 7.31 -0.89 -33.50
N LEU B 52 7.93 0.28 -33.24
CA LEU B 52 8.74 1.03 -34.25
C LEU B 52 9.66 0.13 -35.07
N ARG B 53 10.24 -0.86 -34.40
CA ARG B 53 11.27 -1.73 -35.01
C ARG B 53 10.66 -2.62 -36.09
N ASN B 54 9.33 -2.71 -36.07
CA ASN B 54 8.58 -3.51 -36.99
C ASN B 54 7.70 -2.66 -37.91
N TRP B 55 8.08 -1.41 -38.16
CA TRP B 55 7.25 -0.49 -38.96
C TRP B 55 7.04 -0.99 -40.39
N ALA B 56 8.08 -1.64 -40.93
CA ALA B 56 8.01 -2.24 -42.26
C ALA B 56 6.89 -3.29 -42.37
N ALA B 57 6.78 -4.16 -41.38
CA ALA B 57 5.73 -5.18 -41.40
C ALA B 57 4.35 -4.60 -41.06
N LEU B 58 4.31 -3.45 -40.39
CA LEU B 58 3.04 -2.84 -39.95
C LEU B 58 2.50 -1.80 -40.90
N ARG B 59 3.34 -1.24 -41.78
CA ARG B 59 2.85 -0.21 -42.73
C ARG B 59 1.65 -0.70 -43.54
N GLY B 60 0.54 0.02 -43.40
CA GLY B 60 -0.66 -0.28 -44.16
C GLY B 60 -1.43 -1.48 -43.64
N LYS B 61 -0.95 -2.10 -42.57
CA LYS B 61 -1.54 -3.32 -42.03
C LYS B 61 -2.57 -3.05 -40.91
N THR B 62 -3.14 -4.12 -40.35
CA THR B 62 -4.09 -4.00 -39.23
C THR B 62 -3.59 -4.70 -37.96
N VAL B 63 -3.94 -4.10 -36.82
CA VAL B 63 -3.41 -4.50 -35.51
C VAL B 63 -4.56 -4.64 -34.55
N LEU B 64 -4.48 -5.67 -33.70
CA LEU B 64 -5.35 -5.76 -32.54
C LEU B 64 -4.48 -5.51 -31.29
N ASP B 65 -4.90 -4.52 -30.49
CA ASP B 65 -4.29 -4.22 -29.19
C ASP B 65 -5.21 -4.80 -28.11
N VAL B 66 -4.78 -5.91 -27.50
CA VAL B 66 -5.57 -6.60 -26.45
C VAL B 66 -5.33 -5.96 -25.09
N GLY B 67 -6.33 -5.24 -24.58
CA GLY B 67 -6.19 -4.50 -23.33
C GLY B 67 -5.54 -3.15 -23.57
N ALA B 68 -6.14 -2.39 -24.49
CA ALA B 68 -5.66 -1.07 -24.87
C ALA B 68 -5.46 -0.04 -23.71
N GLY B 69 -6.20 -0.18 -22.61
CA GLY B 69 -6.07 0.75 -21.47
C GLY B 69 -6.40 2.17 -21.89
N THR B 70 -5.44 3.08 -21.73
CA THR B 70 -5.62 4.48 -22.12
C THR B 70 -5.35 4.70 -23.62
N GLY B 71 -4.98 3.62 -24.32
CA GLY B 71 -4.84 3.65 -25.77
C GLY B 71 -3.41 3.83 -26.26
N ILE B 72 -2.50 4.10 -25.34
CA ILE B 72 -1.12 4.44 -25.66
C ILE B 72 -0.50 3.53 -26.73
N LEU B 73 -0.62 2.20 -26.58
CA LEU B 73 0.08 1.25 -27.48
C LEU B 73 -0.55 1.20 -28.87
N SER B 74 -1.86 1.33 -28.88
CA SER B 74 -2.59 1.47 -30.12
C SER B 74 -2.11 2.67 -30.89
N ILE B 75 -1.88 3.78 -30.19
CA ILE B 75 -1.41 4.97 -30.86
C ILE B 75 0.03 4.77 -31.37
N PHE B 76 0.85 4.05 -30.61
CA PHE B 76 2.20 3.71 -31.08
C PHE B 76 2.06 2.99 -32.42
N CYS B 77 1.07 2.09 -32.53
CA CYS B 77 0.88 1.30 -33.76
C CYS B 77 0.47 2.17 -34.94
N ALA B 78 -0.45 3.09 -34.69
CA ALA B 78 -0.86 4.10 -35.65
C ALA B 78 0.30 4.95 -36.11
N GLN B 79 1.12 5.38 -35.18
CA GLN B 79 2.29 6.21 -35.50
C GLN B 79 3.35 5.42 -36.31
N ALA B 80 3.39 4.11 -36.08
CA ALA B 80 4.32 3.25 -36.79
C ALA B 80 3.89 3.05 -38.24
N GLY B 81 2.64 3.40 -38.55
CA GLY B 81 2.12 3.32 -39.91
C GLY B 81 1.02 2.30 -40.14
N ALA B 82 0.43 1.76 -39.09
CA ALA B 82 -0.68 0.83 -39.22
C ALA B 82 -1.91 1.52 -39.78
N ARG B 83 -2.57 0.87 -40.73
CA ARG B 83 -3.77 1.39 -41.35
C ARG B 83 -4.92 1.47 -40.34
N ARG B 84 -5.05 0.41 -39.55
CA ARG B 84 -6.17 0.23 -38.64
C ARG B 84 -5.74 -0.46 -37.36
N VAL B 85 -6.12 0.13 -36.22
CA VAL B 85 -5.92 -0.49 -34.93
C VAL B 85 -7.25 -0.67 -34.20
N TYR B 86 -7.50 -1.90 -33.75
CA TYR B 86 -8.64 -2.17 -32.91
C TYR B 86 -8.18 -2.25 -31.47
N ALA B 87 -8.57 -1.22 -30.72
CA ALA B 87 -8.14 -1.02 -29.35
C ALA B 87 -9.22 -1.59 -28.44
N VAL B 88 -9.02 -2.85 -28.02
CA VAL B 88 -10.03 -3.55 -27.24
C VAL B 88 -9.73 -3.47 -25.72
N GLU B 89 -10.74 -3.09 -24.95
CA GLU B 89 -10.53 -2.84 -23.54
C GLU B 89 -11.81 -3.18 -22.78
N ALA B 90 -11.66 -4.01 -21.75
CA ALA B 90 -12.81 -4.49 -20.97
C ALA B 90 -13.16 -3.64 -19.75
N SER B 91 -12.25 -2.78 -19.33
CA SER B 91 -12.47 -1.97 -18.13
C SER B 91 -13.08 -0.63 -18.55
N ALA B 92 -13.79 0.02 -17.64
CA ALA B 92 -14.36 1.34 -17.93
C ALA B 92 -13.38 2.36 -18.54
N ILE B 93 -12.07 2.17 -18.32
CA ILE B 93 -11.01 3.00 -18.92
C ILE B 93 -11.06 3.12 -20.46
N TRP B 94 -11.78 2.23 -21.14
CA TRP B 94 -11.93 2.38 -22.59
C TRP B 94 -12.44 3.77 -22.99
N GLN B 95 -13.23 4.37 -22.12
CA GLN B 95 -13.75 5.72 -22.37
C GLN B 95 -12.62 6.77 -22.45
N GLN B 96 -11.60 6.62 -21.62
CA GLN B 96 -10.47 7.54 -21.64
C GLN B 96 -9.65 7.28 -22.89
N ALA B 97 -9.50 6.01 -23.24
CA ALA B 97 -8.82 5.60 -24.46
C ALA B 97 -9.49 6.20 -25.69
N ARG B 98 -10.81 6.21 -25.72
CA ARG B 98 -11.52 6.80 -26.83
C ARG B 98 -11.23 8.29 -26.91
N GLU B 99 -11.32 8.99 -25.78
CA GLU B 99 -10.93 10.40 -25.67
C GLU B 99 -9.52 10.69 -26.16
N VAL B 100 -8.54 9.89 -25.72
CA VAL B 100 -7.16 10.13 -26.18
C VAL B 100 -7.06 10.01 -27.71
N VAL B 101 -7.68 8.98 -28.26
CA VAL B 101 -7.67 8.75 -29.70
C VAL B 101 -8.25 9.94 -30.46
N ARG B 102 -9.42 10.43 -30.04
CA ARG B 102 -10.06 11.60 -30.69
C ARG B 102 -9.23 12.86 -30.58
N PHE B 103 -8.71 13.10 -29.36
CA PHE B 103 -7.85 14.24 -29.04
C PHE B 103 -6.56 14.21 -29.88
N ASN B 104 -6.07 13.03 -30.23
CA ASN B 104 -4.87 13.00 -31.05
C ASN B 104 -5.16 12.98 -32.55
N GLY B 105 -6.42 13.24 -32.91
CA GLY B 105 -6.86 13.22 -34.31
C GLY B 105 -6.80 11.86 -35.00
N LEU B 106 -6.82 10.78 -34.22
CA LEU B 106 -6.65 9.42 -34.75
C LEU B 106 -7.91 8.56 -34.85
N GLU B 107 -9.10 9.14 -34.64
CA GLU B 107 -10.32 8.33 -34.62
C GLU B 107 -10.63 7.52 -35.91
N ASP B 108 -9.96 7.86 -37.02
CA ASP B 108 -10.13 7.07 -38.26
C ASP B 108 -9.20 5.88 -38.35
N ARG B 109 -8.16 5.89 -37.54
CA ARG B 109 -7.17 4.84 -37.62
C ARG B 109 -7.23 3.90 -36.44
N VAL B 110 -7.60 4.43 -35.28
CA VAL B 110 -7.76 3.61 -34.08
C VAL B 110 -9.23 3.53 -33.65
N HIS B 111 -9.79 2.33 -33.63
CA HIS B 111 -11.15 2.10 -33.15
C HIS B 111 -11.12 1.48 -31.76
N VAL B 112 -11.64 2.21 -30.78
CA VAL B 112 -11.67 1.69 -29.43
C VAL B 112 -12.93 0.88 -29.26
N LEU B 113 -12.75 -0.38 -28.85
CA LEU B 113 -13.88 -1.30 -28.68
C LEU B 113 -14.03 -1.80 -27.22
N PRO B 114 -15.14 -1.45 -26.55
CA PRO B 114 -15.31 -1.86 -25.15
C PRO B 114 -15.54 -3.36 -24.98
N GLY B 115 -15.29 -3.88 -23.78
CA GLY B 115 -15.65 -5.26 -23.46
C GLY B 115 -14.53 -6.26 -23.63
N PRO B 116 -14.77 -7.52 -23.25
CA PRO B 116 -13.68 -8.52 -23.28
C PRO B 116 -13.26 -8.85 -24.71
N VAL B 117 -11.97 -8.98 -24.96
CA VAL B 117 -11.52 -9.45 -26.28
C VAL B 117 -12.13 -10.81 -26.67
N GLU B 118 -12.50 -11.62 -25.68
CA GLU B 118 -13.03 -12.96 -25.96
C GLU B 118 -14.37 -12.90 -26.70
N THR B 119 -15.10 -11.80 -26.57
CA THR B 119 -16.45 -11.68 -27.16
C THR B 119 -16.61 -10.47 -28.08
N VAL B 120 -15.53 -9.71 -28.25
CA VAL B 120 -15.49 -8.58 -29.19
C VAL B 120 -15.74 -9.00 -30.64
N GLU B 121 -16.36 -8.13 -31.42
CA GLU B 121 -16.59 -8.46 -32.81
C GLU B 121 -15.80 -7.54 -33.70
N LEU B 122 -14.74 -8.08 -34.31
CA LEU B 122 -13.92 -7.33 -35.26
C LEU B 122 -14.50 -7.52 -36.67
N PRO B 123 -14.28 -6.55 -37.55
CA PRO B 123 -14.79 -6.65 -38.91
C PRO B 123 -13.96 -7.55 -39.83
N GLU B 124 -12.86 -8.08 -39.30
CA GLU B 124 -11.85 -8.81 -40.10
C GLU B 124 -10.79 -9.44 -39.19
N GLN B 125 -9.99 -10.35 -39.75
CA GLN B 125 -8.81 -10.83 -39.05
C GLN B 125 -7.71 -9.76 -39.13
N VAL B 126 -6.74 -9.84 -38.22
CA VAL B 126 -5.69 -8.82 -38.11
C VAL B 126 -4.34 -9.38 -38.52
N ASP B 127 -3.47 -8.48 -38.95
CA ASP B 127 -2.10 -8.81 -39.34
C ASP B 127 -1.14 -8.90 -38.16
N ALA B 128 -1.47 -8.25 -37.05
CA ALA B 128 -0.61 -8.26 -35.90
C ALA B 128 -1.43 -8.09 -34.64
N ILE B 129 -0.91 -8.65 -33.54
CA ILE B 129 -1.48 -8.41 -32.22
C ILE B 129 -0.41 -7.80 -31.34
N VAL B 130 -0.77 -6.74 -30.62
CA VAL B 130 0.08 -6.18 -29.57
C VAL B 130 -0.68 -6.24 -28.25
N SER B 131 0.04 -6.48 -27.16
CA SER B 131 -0.54 -6.56 -25.83
C SER B 131 0.51 -6.47 -24.74
N GLU B 132 0.22 -5.63 -23.76
CA GLU B 132 0.98 -5.67 -22.52
C GLU B 132 0.16 -6.39 -21.44
N TRP B 133 0.45 -7.68 -21.27
CA TRP B 133 -0.44 -8.60 -20.52
C TRP B 133 0.19 -9.15 -19.25
N MET B 134 1.45 -8.80 -19.04
CA MET B 134 2.25 -9.41 -17.98
C MET B 134 1.88 -8.87 -16.62
N GLY B 135 1.74 -9.76 -15.65
CA GLY B 135 1.49 -9.38 -14.27
C GLY B 135 2.72 -9.64 -13.41
N TYR B 136 2.59 -9.45 -12.10
CA TYR B 136 3.66 -9.82 -11.17
C TYR B 136 3.94 -11.31 -11.34
N GLY B 137 5.20 -11.71 -11.18
CA GLY B 137 5.65 -13.06 -11.52
C GLY B 137 5.18 -13.50 -12.89
N LEU B 138 5.06 -12.53 -13.82
CA LEU B 138 4.57 -12.71 -15.20
C LEU B 138 3.08 -13.09 -15.32
N LEU B 139 2.64 -14.04 -14.50
CA LEU B 139 1.35 -14.69 -14.76
C LEU B 139 0.21 -14.24 -13.83
N HIS B 140 0.53 -13.46 -12.79
CA HIS B 140 -0.51 -12.88 -11.95
C HIS B 140 -1.47 -12.10 -12.84
N GLU B 141 -2.75 -12.13 -12.48
CA GLU B 141 -3.86 -11.65 -13.35
C GLU B 141 -4.42 -12.67 -14.38
N SER B 142 -3.59 -13.64 -14.80
CA SER B 142 -3.91 -14.58 -15.89
C SER B 142 -4.49 -13.98 -17.18
N MET B 143 -3.93 -12.86 -17.61
CA MET B 143 -4.34 -12.24 -18.86
C MET B 143 -3.82 -12.94 -20.12
N LEU B 144 -2.72 -13.69 -20.01
CA LEU B 144 -2.18 -14.38 -21.18
C LEU B 144 -3.23 -15.19 -21.96
N SER B 145 -4.10 -15.92 -21.27
CA SER B 145 -5.19 -16.70 -21.94
C SER B 145 -6.01 -15.84 -22.87
N SER B 146 -6.31 -14.62 -22.42
CA SER B 146 -7.04 -13.68 -23.23
C SER B 146 -6.26 -13.36 -24.52
N VAL B 147 -4.97 -13.11 -24.38
CA VAL B 147 -4.14 -12.83 -25.57
C VAL B 147 -4.10 -14.05 -26.50
N LEU B 148 -3.90 -15.25 -25.93
CA LEU B 148 -3.87 -16.47 -26.74
C LEU B 148 -5.21 -16.75 -27.44
N HIS B 149 -6.34 -16.50 -26.73
CA HIS B 149 -7.68 -16.63 -27.31
C HIS B 149 -7.83 -15.69 -28.51
N ALA B 150 -7.29 -14.49 -28.38
CA ALA B 150 -7.39 -13.49 -29.44
C ALA B 150 -6.56 -13.91 -30.65
N ARG B 151 -5.42 -14.52 -30.38
CA ARG B 151 -4.54 -14.99 -31.43
C ARG B 151 -5.21 -16.08 -32.26
N THR B 152 -5.68 -17.13 -31.60
CA THR B 152 -6.32 -18.27 -32.26
C THR B 152 -7.54 -17.86 -33.10
N LYS B 153 -8.34 -16.95 -32.55
CA LYS B 153 -9.58 -16.53 -33.17
C LYS B 153 -9.40 -15.48 -34.26
N TRP B 154 -8.43 -14.56 -34.07
CA TRP B 154 -8.37 -13.34 -34.89
C TRP B 154 -7.10 -13.07 -35.68
N LEU B 155 -5.97 -13.63 -35.29
CA LEU B 155 -4.72 -13.37 -36.01
C LEU B 155 -4.66 -14.14 -37.34
N LYS B 156 -4.34 -13.44 -38.41
CA LYS B 156 -4.11 -14.07 -39.71
C LYS B 156 -2.95 -15.04 -39.62
N GLU B 157 -3.01 -16.06 -40.47
CA GLU B 157 -1.96 -17.05 -40.62
C GLU B 157 -0.61 -16.36 -40.87
N GLY B 158 0.36 -16.66 -40.02
CA GLY B 158 1.70 -16.07 -40.13
C GLY B 158 1.78 -14.63 -39.63
N GLY B 159 0.77 -14.18 -38.91
CA GLY B 159 0.72 -12.81 -38.41
C GLY B 159 1.73 -12.52 -37.30
N LEU B 160 1.86 -11.25 -36.96
CA LEU B 160 2.86 -10.82 -36.01
C LEU B 160 2.31 -10.70 -34.58
N LEU B 161 3.16 -11.03 -33.61
CA LEU B 161 2.80 -11.05 -32.20
C LEU B 161 3.82 -10.24 -31.38
N LEU B 162 3.34 -9.22 -30.68
CA LEU B 162 4.23 -8.35 -29.95
C LEU B 162 3.80 -8.22 -28.48
N PRO B 163 4.65 -8.73 -27.55
CA PRO B 163 5.85 -9.52 -27.79
C PRO B 163 5.54 -10.98 -28.14
N ALA B 164 6.56 -11.72 -28.56
CA ALA B 164 6.42 -13.06 -29.15
C ALA B 164 6.71 -14.19 -28.17
N SER B 165 7.52 -13.92 -27.15
CA SER B 165 7.89 -14.94 -26.16
C SER B 165 8.16 -14.37 -24.78
N ALA B 166 8.21 -15.25 -23.77
CA ALA B 166 8.57 -14.86 -22.41
C ALA B 166 9.42 -15.91 -21.69
N GLU B 167 10.27 -15.43 -20.78
CA GLU B 167 11.16 -16.29 -20.00
C GLU B 167 11.05 -15.95 -18.51
N LEU B 168 11.07 -17.00 -17.69
CA LEU B 168 11.02 -16.90 -16.24
C LEU B 168 12.34 -17.33 -15.62
N PHE B 169 12.76 -16.59 -14.58
CA PHE B 169 14.04 -16.78 -13.92
C PHE B 169 13.88 -16.83 -12.38
N ILE B 170 14.80 -17.53 -11.71
CA ILE B 170 14.80 -17.63 -10.25
C ILE B 170 16.25 -17.56 -9.77
N ALA B 171 16.45 -16.91 -8.61
CA ALA B 171 17.74 -16.87 -7.96
C ALA B 171 17.54 -16.79 -6.44
N PRO B 172 18.45 -17.40 -5.66
CA PRO B 172 18.41 -17.14 -4.23
C PRO B 172 18.78 -15.69 -3.99
N ILE B 173 18.15 -15.06 -3.00
CA ILE B 173 18.38 -13.64 -2.75
C ILE B 173 18.56 -13.30 -1.27
N SER B 174 19.02 -12.08 -1.05
CA SER B 174 19.12 -11.50 0.28
C SER B 174 18.40 -10.16 0.22
N ASP B 175 17.37 -9.99 1.04
CA ASP B 175 16.59 -8.75 1.08
C ASP B 175 17.14 -7.86 2.20
N GLN B 176 17.69 -6.71 1.82
CA GLN B 176 18.35 -5.83 2.79
C GLN B 176 17.33 -5.10 3.63
N MET B 177 16.16 -4.84 3.05
CA MET B 177 15.07 -4.17 3.79
C MET B 177 14.57 -5.15 4.87
N LEU B 178 14.39 -6.41 4.48
CA LEU B 178 13.95 -7.44 5.41
C LEU B 178 14.94 -7.61 6.55
N GLU B 179 16.21 -7.80 6.20
CA GLU B 179 17.28 -7.85 7.16
C GLU B 179 17.27 -6.69 8.16
N TRP B 180 17.10 -5.45 7.68
CA TRP B 180 16.98 -4.30 8.57
C TRP B 180 15.78 -4.40 9.51
N ARG B 181 14.64 -4.86 9.00
CA ARG B 181 13.43 -4.97 9.80
C ARG B 181 13.54 -6.05 10.88
N LEU B 182 14.15 -7.20 10.54
CA LEU B 182 14.41 -8.26 11.52
C LEU B 182 15.42 -7.84 12.60
N GLY B 183 16.41 -7.04 12.20
CA GLY B 183 17.49 -6.61 13.10
C GLY B 183 17.07 -5.42 13.97
N PHE B 184 15.94 -4.80 13.64
CA PHE B 184 15.50 -3.55 14.26
C PHE B 184 15.30 -3.68 15.77
N TRP B 185 14.84 -4.84 16.20
CA TRP B 185 14.50 -5.07 17.59
C TRP B 185 15.75 -5.11 18.50
N SER B 186 16.89 -5.41 17.91
CA SER B 186 18.17 -5.40 18.62
C SER B 186 18.73 -4.00 18.72
N GLN B 187 18.23 -3.09 17.88
CA GLN B 187 18.67 -1.71 17.93
C GLN B 187 17.92 -0.88 18.97
N VAL B 188 16.79 -1.37 19.48
CA VAL B 188 15.92 -0.60 20.35
C VAL B 188 16.63 -0.22 21.66
N LYS B 189 17.45 -1.12 22.18
CA LYS B 189 18.19 -0.83 23.41
C LYS B 189 19.05 0.42 23.26
N GLN B 190 19.70 0.54 22.12
CA GLN B 190 20.58 1.67 21.89
C GLN B 190 19.83 2.99 21.60
N HIS B 191 18.63 2.93 21.04
CA HIS B 191 17.85 4.16 20.78
C HIS B 191 17.14 4.66 22.04
N TYR B 192 16.54 3.75 22.82
CA TYR B 192 15.63 4.13 23.89
C TYR B 192 15.96 3.51 25.25
N GLY B 193 16.89 2.58 25.30
CA GLY B 193 17.26 2.00 26.59
C GLY B 193 16.37 0.84 27.07
N VAL B 194 15.63 0.23 26.15
CA VAL B 194 14.80 -0.92 26.48
C VAL B 194 15.24 -2.05 25.55
N ASP B 195 15.64 -3.20 26.12
CA ASP B 195 16.10 -4.34 25.35
C ASP B 195 14.91 -5.08 24.79
N MET B 196 14.75 -5.04 23.46
CA MET B 196 13.65 -5.76 22.80
C MET B 196 14.19 -6.79 21.83
N SER B 197 15.44 -7.21 22.02
CA SER B 197 16.06 -8.17 21.11
C SER B 197 15.37 -9.53 21.11
N CYS B 198 14.70 -9.86 22.21
CA CYS B 198 13.90 -11.09 22.33
C CYS B 198 12.72 -11.17 21.36
N LEU B 199 12.39 -10.09 20.66
CA LEU B 199 11.29 -10.11 19.70
C LEU B 199 11.70 -10.50 18.27
N GLU B 200 12.99 -10.74 18.05
CA GLU B 200 13.48 -11.11 16.72
C GLU B 200 12.71 -12.34 16.18
N GLY B 201 12.59 -13.38 17.02
CA GLY B 201 11.79 -14.56 16.68
C GLY B 201 10.41 -14.20 16.17
N PHE B 202 9.70 -13.37 16.95
CA PHE B 202 8.36 -12.94 16.63
C PHE B 202 8.31 -12.13 15.30
N ALA B 203 9.29 -11.25 15.12
CA ALA B 203 9.41 -10.48 13.89
C ALA B 203 9.57 -11.39 12.69
N THR B 204 10.40 -12.42 12.83
CA THR B 204 10.66 -13.40 11.78
C THR B 204 9.43 -14.21 11.38
N ARG B 205 8.68 -14.69 12.37
CA ARG B 205 7.43 -15.42 12.11
C ARG B 205 6.42 -14.57 11.35
N CYS B 206 6.24 -13.32 11.76
CA CYS B 206 5.33 -12.42 11.08
C CYS B 206 5.76 -12.12 9.64
N LEU B 207 7.04 -11.79 9.48
CA LEU B 207 7.53 -11.22 8.21
C LEU B 207 8.02 -12.27 7.20
N MET B 208 8.36 -13.47 7.68
CA MET B 208 8.85 -14.52 6.80
C MET B 208 7.97 -15.75 6.86
N GLY B 209 7.29 -15.97 7.99
CA GLY B 209 6.48 -17.17 8.17
C GLY B 209 5.15 -17.21 7.41
N HIS B 210 4.75 -16.09 6.83
CA HIS B 210 3.50 -16.05 6.08
C HIS B 210 3.70 -16.74 4.72
N SER B 211 2.62 -16.95 3.97
CA SER B 211 2.71 -17.61 2.66
C SER B 211 2.35 -16.73 1.45
N GLU B 212 2.71 -15.45 1.50
CA GLU B 212 2.35 -14.55 0.43
C GLU B 212 3.53 -14.21 -0.44
N ILE B 213 3.28 -14.07 -1.73
CA ILE B 213 4.29 -13.57 -2.66
C ILE B 213 4.38 -12.08 -2.43
N VAL B 214 5.60 -11.58 -2.23
CA VAL B 214 5.81 -10.17 -1.96
C VAL B 214 6.47 -9.46 -3.15
N VAL B 215 5.87 -8.36 -3.60
CA VAL B 215 6.48 -7.56 -4.66
C VAL B 215 7.46 -6.55 -4.09
N GLN B 216 8.74 -6.74 -4.39
CA GLN B 216 9.82 -5.85 -3.92
C GLN B 216 10.92 -5.80 -4.93
N GLY B 217 11.50 -4.61 -5.10
CA GLY B 217 12.59 -4.45 -6.08
C GLY B 217 13.93 -4.66 -5.40
N LEU B 218 14.77 -5.54 -5.96
CA LEU B 218 16.11 -5.78 -5.41
C LEU B 218 17.18 -5.23 -6.35
N SER B 219 18.43 -5.20 -5.93
CA SER B 219 19.46 -4.90 -6.92
C SER B 219 20.41 -6.06 -7.10
N GLY B 220 21.34 -5.89 -8.05
CA GLY B 220 22.31 -6.91 -8.42
C GLY B 220 22.92 -7.62 -7.25
N GLU B 221 23.50 -6.87 -6.32
CA GLU B 221 24.27 -7.45 -5.21
C GLU B 221 23.43 -8.25 -4.18
N ASP B 222 22.09 -8.22 -4.30
CA ASP B 222 21.19 -9.05 -3.47
C ASP B 222 21.04 -10.48 -4.01
N VAL B 223 21.58 -10.71 -5.21
CA VAL B 223 21.41 -11.98 -5.88
C VAL B 223 22.57 -12.87 -5.46
N LEU B 224 22.27 -14.05 -4.93
CA LEU B 224 23.28 -14.87 -4.27
C LEU B 224 23.87 -16.03 -5.10
N ALA B 225 23.39 -16.19 -6.33
CA ALA B 225 23.94 -17.18 -7.27
C ALA B 225 23.48 -16.77 -8.65
N ARG B 226 24.03 -17.43 -9.66
CA ARG B 226 23.64 -17.18 -11.03
C ARG B 226 22.14 -17.45 -11.21
N PRO B 227 21.40 -16.44 -11.69
CA PRO B 227 19.96 -16.62 -11.97
C PRO B 227 19.78 -17.80 -12.92
N GLN B 228 18.79 -18.63 -12.64
CA GLN B 228 18.47 -19.80 -13.45
C GLN B 228 17.15 -19.59 -14.18
N ARG B 229 17.19 -19.73 -15.50
CA ARG B 229 15.93 -19.81 -16.23
C ARG B 229 15.21 -21.10 -15.83
N PHE B 230 13.91 -21.01 -15.62
CA PHE B 230 13.13 -22.20 -15.27
C PHE B 230 11.93 -22.44 -16.18
N ALA B 231 11.62 -21.47 -17.05
CA ALA B 231 10.57 -21.64 -18.05
C ALA B 231 10.74 -20.70 -19.22
N GLN B 232 10.30 -21.17 -20.39
CA GLN B 232 10.31 -20.42 -21.65
C GLN B 232 8.92 -20.61 -22.23
N LEU B 233 8.26 -19.50 -22.61
CA LEU B 233 6.90 -19.54 -23.17
C LEU B 233 6.95 -18.98 -24.58
N GLU B 234 6.77 -19.83 -25.58
CA GLU B 234 6.70 -19.37 -26.97
C GLU B 234 5.22 -19.15 -27.24
N LEU B 235 4.83 -17.89 -27.41
CA LEU B 235 3.40 -17.55 -27.43
C LEU B 235 2.61 -18.18 -28.59
N SER B 236 3.31 -18.55 -29.66
CA SER B 236 2.66 -19.13 -30.83
C SER B 236 2.51 -20.66 -30.70
N ARG B 237 3.09 -21.24 -29.66
CA ARG B 237 3.11 -22.69 -29.44
C ARG B 237 1.70 -23.27 -29.25
N ALA B 238 1.39 -24.29 -30.05
CA ALA B 238 0.08 -24.89 -30.13
C ALA B 238 -0.43 -25.30 -28.76
N GLY B 239 -1.70 -24.96 -28.49
CA GLY B 239 -2.38 -25.26 -27.23
C GLY B 239 -1.63 -24.93 -25.95
N LEU B 240 -0.92 -23.81 -25.93
CA LEU B 240 -0.20 -23.35 -24.74
C LEU B 240 -1.19 -22.92 -23.64
N GLU B 241 -2.42 -22.63 -24.05
CA GLU B 241 -3.52 -22.34 -23.12
C GLU B 241 -3.74 -23.47 -22.10
N GLN B 242 -3.45 -24.71 -22.48
CA GLN B 242 -3.60 -25.85 -21.55
C GLN B 242 -2.45 -25.91 -20.56
N GLU B 243 -1.24 -25.73 -21.08
CA GLU B 243 -0.07 -25.70 -20.21
C GLU B 243 -0.27 -24.75 -19.02
N LEU B 244 -0.94 -23.62 -19.27
CA LEU B 244 -1.13 -22.56 -18.28
C LEU B 244 -1.98 -23.01 -17.11
N GLU B 245 -3.10 -23.62 -17.41
CA GLU B 245 -4.00 -24.16 -16.40
C GLU B 245 -3.29 -25.20 -15.51
N ALA B 246 -2.49 -26.07 -16.13
CA ALA B 246 -1.78 -27.13 -15.42
C ALA B 246 -0.54 -26.64 -14.66
N GLY B 247 -0.06 -25.43 -14.93
CA GLY B 247 1.15 -24.94 -14.27
C GLY B 247 2.33 -24.74 -15.19
N VAL B 248 3.04 -23.64 -15.03
CA VAL B 248 4.28 -23.46 -15.77
C VAL B 248 5.40 -23.39 -14.74
N GLY B 249 6.46 -24.14 -15.00
CA GLY B 249 7.63 -24.07 -14.15
C GLY B 249 8.69 -25.05 -14.56
N GLY B 250 9.55 -25.41 -13.62
CA GLY B 250 10.66 -26.27 -13.90
C GLY B 250 11.55 -26.42 -12.69
N ARG B 251 12.58 -27.24 -12.84
CA ARG B 251 13.56 -27.43 -11.79
C ARG B 251 14.75 -26.51 -12.01
N PHE B 252 15.48 -26.27 -10.94
CA PHE B 252 16.64 -25.39 -10.97
C PHE B 252 17.69 -25.90 -10.00
N ARG B 253 18.95 -25.52 -10.24
CA ARG B 253 20.05 -25.78 -9.33
C ARG B 253 21.12 -24.73 -9.61
N CYS B 254 21.81 -24.32 -8.56
CA CYS B 254 22.80 -23.26 -8.69
C CYS B 254 23.67 -23.29 -7.44
N SER B 255 24.73 -22.49 -7.49
CA SER B 255 25.76 -22.49 -6.45
C SER B 255 26.05 -21.06 -6.00
N CYS B 256 26.02 -20.84 -4.68
CA CYS B 256 26.14 -19.48 -4.15
C CYS B 256 27.54 -18.88 -4.24
N TYR B 257 27.58 -17.58 -4.48
CA TYR B 257 28.82 -16.84 -4.58
C TYR B 257 29.63 -16.78 -3.28
N GLY B 258 28.97 -16.63 -2.13
CA GLY B 258 29.68 -16.38 -0.87
C GLY B 258 28.79 -16.28 0.34
N SER B 259 29.35 -15.74 1.44
CA SER B 259 28.64 -15.66 2.71
C SER B 259 27.57 -14.63 2.62
N ALA B 260 26.38 -15.01 3.04
CA ALA B 260 25.23 -14.12 2.97
C ALA B 260 24.09 -14.72 3.76
N PRO B 261 23.25 -13.86 4.36
CA PRO B 261 22.01 -14.36 4.91
C PRO B 261 21.01 -14.50 3.76
N MET B 262 20.58 -15.73 3.45
CA MET B 262 19.58 -16.00 2.41
C MET B 262 18.16 -15.89 2.97
N HIS B 263 17.31 -15.07 2.35
CA HIS B 263 15.90 -14.96 2.80
C HIS B 263 14.89 -15.75 1.94
N GLY B 264 15.30 -16.14 0.75
CA GLY B 264 14.39 -16.85 -0.14
C GLY B 264 14.80 -16.69 -1.57
N PHE B 265 13.80 -16.59 -2.44
CA PHE B 265 14.06 -16.51 -3.86
C PHE B 265 13.36 -15.31 -4.43
N ALA B 266 13.95 -14.73 -5.48
CA ALA B 266 13.26 -13.76 -6.33
C ALA B 266 12.95 -14.45 -7.66
N ILE B 267 11.75 -14.22 -8.19
CA ILE B 267 11.47 -14.61 -9.58
C ILE B 267 11.20 -13.35 -10.39
N TRP B 268 11.55 -13.41 -11.67
CA TRP B 268 11.29 -12.31 -12.56
C TRP B 268 11.21 -12.88 -13.97
N PHE B 269 11.02 -11.98 -14.93
CA PHE B 269 10.75 -12.38 -16.29
C PHE B 269 11.34 -11.40 -17.30
N GLN B 270 11.29 -11.82 -18.55
CA GLN B 270 11.55 -10.94 -19.68
C GLN B 270 10.67 -11.40 -20.83
N VAL B 271 10.36 -10.45 -21.71
CA VAL B 271 9.62 -10.71 -22.93
C VAL B 271 10.48 -10.20 -24.11
N THR B 272 10.34 -10.84 -25.26
CA THR B 272 11.12 -10.50 -26.45
C THR B 272 10.22 -10.07 -27.59
N PHE B 273 10.54 -8.91 -28.16
CA PHE B 273 9.93 -8.46 -29.40
C PHE B 273 10.72 -8.98 -30.61
N PRO B 274 10.05 -9.67 -31.55
CA PRO B 274 10.78 -9.98 -32.77
C PRO B 274 11.18 -8.68 -33.45
N GLY B 275 12.35 -8.67 -34.07
CA GLY B 275 12.79 -7.49 -34.80
C GLY B 275 12.49 -7.64 -36.29
N GLY B 276 12.32 -6.52 -36.99
CA GLY B 276 12.42 -6.52 -38.45
C GLY B 276 13.89 -6.76 -38.78
N GLU B 277 14.24 -6.80 -40.07
CA GLU B 277 15.67 -6.97 -40.43
C GLU B 277 16.47 -5.73 -39.98
N SER B 278 15.81 -4.91 -39.17
CA SER B 278 16.41 -3.79 -38.46
C SER B 278 16.70 -4.13 -37.01
N GLU B 279 17.93 -3.85 -36.58
CA GLU B 279 18.37 -3.85 -35.18
C GLU B 279 18.36 -5.17 -34.37
N LYS B 280 17.45 -6.10 -34.70
CA LYS B 280 17.34 -7.39 -33.99
C LYS B 280 16.34 -7.41 -32.81
N PRO B 281 16.35 -8.48 -31.98
CA PRO B 281 15.22 -8.63 -31.07
C PRO B 281 15.40 -7.85 -29.78
N LEU B 282 14.37 -7.12 -29.41
CA LEU B 282 14.41 -6.21 -28.26
C LEU B 282 13.85 -6.92 -27.03
N VAL B 283 14.68 -6.99 -25.99
CA VAL B 283 14.30 -7.64 -24.74
C VAL B 283 13.79 -6.64 -23.69
N LEU B 284 12.60 -6.87 -23.15
CA LEU B 284 12.13 -6.14 -21.98
C LEU B 284 12.32 -6.99 -20.72
N SER B 285 13.23 -6.57 -19.86
CA SER B 285 13.71 -7.34 -18.71
C SER B 285 13.25 -6.73 -17.38
N THR B 286 12.89 -7.58 -16.42
CA THR B 286 12.53 -7.13 -15.08
C THR B 286 13.53 -7.64 -14.03
N SER B 287 14.75 -7.89 -14.49
CA SER B 287 15.82 -8.44 -13.68
C SER B 287 16.32 -7.41 -12.68
N PRO B 288 16.72 -7.87 -11.49
CA PRO B 288 17.29 -6.91 -10.55
C PRO B 288 18.63 -6.35 -11.04
N PHE B 289 19.28 -7.03 -11.98
CA PHE B 289 20.50 -6.49 -12.59
C PHE B 289 20.24 -5.36 -13.57
N HIS B 290 18.99 -5.15 -13.96
CA HIS B 290 18.65 -4.20 -15.02
C HIS B 290 17.82 -3.03 -14.53
N PRO B 291 17.69 -1.95 -15.35
CA PRO B 291 16.90 -0.81 -14.83
C PRO B 291 15.55 -1.27 -14.27
N ALA B 292 15.18 -0.74 -13.10
CA ALA B 292 13.95 -1.07 -12.41
C ALA B 292 12.69 -0.85 -13.26
N THR B 293 11.63 -1.59 -12.97
CA THR B 293 10.37 -1.43 -13.66
C THR B 293 9.27 -1.51 -12.61
N HIS B 294 8.00 -1.22 -12.97
CA HIS B 294 6.91 -1.31 -11.99
C HIS B 294 6.59 -2.74 -11.49
N TRP B 295 7.04 -3.75 -12.23
CA TRP B 295 6.89 -5.14 -11.77
C TRP B 295 7.86 -5.49 -10.65
N LYS B 296 8.97 -4.75 -10.53
CA LYS B 296 10.00 -5.10 -9.55
C LYS B 296 10.38 -6.56 -9.67
N GLN B 297 10.39 -7.26 -8.54
CA GLN B 297 10.54 -8.71 -8.53
C GLN B 297 9.50 -9.31 -7.58
N ALA B 298 9.28 -10.63 -7.71
CA ALA B 298 8.32 -11.34 -6.90
C ALA B 298 9.13 -12.21 -5.95
N LEU B 299 8.96 -11.98 -4.66
CA LEU B 299 9.84 -12.52 -3.65
C LEU B 299 9.11 -13.63 -2.94
N LEU B 300 9.83 -14.75 -2.78
CA LEU B 300 9.33 -15.95 -2.10
C LEU B 300 10.16 -16.24 -0.86
N TYR B 301 9.66 -15.86 0.31
CA TYR B 301 10.43 -15.99 1.56
C TYR B 301 10.39 -17.40 2.19
N LEU B 302 11.58 -17.88 2.54
CA LEU B 302 11.71 -19.00 3.45
C LEU B 302 11.12 -18.55 4.79
N ASN B 303 10.79 -19.52 5.64
CA ASN B 303 10.18 -19.24 6.95
C ASN B 303 11.07 -18.43 7.88
N GLU B 304 12.38 -18.56 7.69
CA GLU B 304 13.38 -17.92 8.52
C GLU B 304 14.65 -17.78 7.67
N PRO B 305 15.60 -16.91 8.06
CA PRO B 305 16.77 -16.75 7.21
C PRO B 305 17.69 -17.99 7.31
N VAL B 306 18.52 -18.20 6.30
CA VAL B 306 19.52 -19.28 6.31
C VAL B 306 20.80 -18.67 5.82
N GLN B 307 21.88 -18.86 6.57
CA GLN B 307 23.19 -18.41 6.16
C GLN B 307 23.69 -19.36 5.05
N VAL B 308 24.10 -18.82 3.91
CA VAL B 308 24.80 -19.63 2.89
C VAL B 308 26.26 -19.23 2.79
N GLU B 309 27.06 -20.10 2.18
CA GLU B 309 28.48 -19.85 1.94
C GLU B 309 28.79 -20.03 0.48
N GLN B 310 29.99 -19.60 0.08
CA GLN B 310 30.50 -19.90 -1.26
C GLN B 310 30.32 -21.37 -1.57
N ASP B 311 29.78 -21.64 -2.76
CA ASP B 311 29.52 -23.00 -3.25
C ASP B 311 28.42 -23.76 -2.48
N THR B 312 27.62 -23.06 -1.67
CA THR B 312 26.41 -23.68 -1.14
C THR B 312 25.48 -24.02 -2.30
N ASP B 313 24.95 -25.24 -2.25
CA ASP B 313 24.07 -25.78 -3.25
C ASP B 313 22.63 -25.37 -2.96
N VAL B 314 21.98 -24.83 -3.97
CA VAL B 314 20.57 -24.49 -3.87
C VAL B 314 19.87 -25.06 -5.07
N SER B 315 18.85 -25.86 -4.83
CA SER B 315 18.11 -26.47 -5.90
C SER B 315 16.67 -26.60 -5.50
N GLY B 316 15.83 -26.93 -6.47
CA GLY B 316 14.43 -27.17 -6.17
C GLY B 316 13.53 -27.14 -7.41
N GLU B 317 12.23 -26.99 -7.15
CA GLU B 317 11.25 -26.95 -8.20
C GLU B 317 10.30 -25.77 -7.95
N ILE B 318 9.88 -25.13 -9.04
CA ILE B 318 8.91 -24.04 -8.93
C ILE B 318 7.82 -24.20 -10.01
N THR B 319 6.56 -24.01 -9.58
CA THR B 319 5.44 -24.04 -10.50
C THR B 319 4.50 -22.87 -10.20
N LEU B 320 4.11 -22.19 -11.27
CA LEU B 320 3.21 -21.06 -11.26
C LEU B 320 1.82 -21.49 -11.73
N LEU B 321 0.80 -21.18 -10.92
CA LEU B 321 -0.53 -21.51 -11.33
C LEU B 321 -1.62 -20.63 -10.75
N PRO B 322 -2.87 -20.83 -11.19
CA PRO B 322 -3.97 -20.10 -10.60
C PRO B 322 -4.30 -20.60 -9.18
N SER B 323 -4.72 -19.70 -8.28
CA SER B 323 -5.17 -20.11 -6.94
C SER B 323 -6.48 -20.92 -7.01
N ARG B 324 -6.75 -21.75 -5.99
CA ARG B 324 -8.00 -22.52 -5.97
C ARG B 324 -9.25 -21.62 -6.02
N ASP B 325 -9.24 -20.54 -5.24
CA ASP B 325 -10.43 -19.68 -5.10
C ASP B 325 -10.52 -18.59 -6.17
N ASN B 326 -9.38 -17.98 -6.46
CA ASN B 326 -9.28 -16.90 -7.43
C ASN B 326 -8.35 -17.28 -8.58
N PRO B 327 -8.90 -17.71 -9.72
CA PRO B 327 -8.09 -18.10 -10.88
C PRO B 327 -7.16 -16.99 -11.39
N ARG B 328 -7.46 -15.75 -11.03
CA ARG B 328 -6.64 -14.63 -11.46
C ARG B 328 -5.53 -14.27 -10.48
N ARG B 329 -5.50 -14.97 -9.35
CA ARG B 329 -4.45 -14.79 -8.34
C ARG B 329 -3.32 -15.79 -8.55
N LEU B 330 -2.10 -15.28 -8.69
CA LEU B 330 -0.92 -16.14 -8.85
C LEU B 330 -0.64 -17.00 -7.61
N ARG B 331 -0.52 -18.30 -7.86
CA ARG B 331 -0.05 -19.25 -6.87
C ARG B 331 1.33 -19.76 -7.27
N VAL B 332 2.22 -19.88 -6.30
CA VAL B 332 3.51 -20.51 -6.55
C VAL B 332 3.72 -21.72 -5.61
N LEU B 333 3.92 -22.87 -6.21
CA LEU B 333 4.37 -24.05 -5.47
C LEU B 333 5.87 -24.12 -5.49
N LEU B 334 6.51 -23.96 -4.34
CA LEU B 334 7.97 -24.08 -4.26
C LEU B 334 8.46 -25.30 -3.48
N ARG B 335 9.30 -26.08 -4.15
CA ARG B 335 10.08 -27.16 -3.58
C ARG B 335 11.51 -26.64 -3.56
N TYR B 336 12.20 -26.66 -2.41
CA TYR B 336 13.58 -26.15 -2.38
C TYR B 336 14.49 -26.85 -1.39
N LYS B 337 15.79 -26.83 -1.70
CA LYS B 337 16.79 -27.46 -0.85
C LYS B 337 18.03 -26.56 -0.78
N VAL B 338 18.40 -26.16 0.44
CA VAL B 338 19.58 -25.32 0.63
C VAL B 338 20.65 -26.06 1.42
N GLY B 339 21.86 -26.12 0.85
CA GLY B 339 22.98 -26.80 1.50
C GLY B 339 22.60 -28.19 1.94
N ASP B 340 23.06 -28.57 3.12
CA ASP B 340 22.82 -29.91 3.66
C ASP B 340 21.50 -30.05 4.42
N GLN B 341 20.72 -28.97 4.44
CA GLN B 341 19.36 -28.98 5.01
C GLN B 341 18.43 -29.87 4.17
N GLU B 342 17.37 -30.41 4.77
CA GLU B 342 16.46 -31.28 4.00
C GLU B 342 15.55 -30.48 3.05
N GLU B 343 15.05 -31.15 2.02
CA GLU B 343 14.15 -30.52 1.04
C GLU B 343 12.86 -30.06 1.70
N LYS B 344 12.39 -28.88 1.29
CA LYS B 344 11.22 -28.27 1.93
C LYS B 344 10.22 -27.71 0.93
N THR B 345 8.99 -27.54 1.41
CA THR B 345 7.86 -27.11 0.61
C THR B 345 7.28 -25.82 1.15
N LYS B 346 6.95 -24.92 0.22
CA LYS B 346 6.17 -23.75 0.60
C LYS B 346 5.25 -23.38 -0.56
N ASP B 347 4.03 -23.01 -0.21
CA ASP B 347 2.95 -22.78 -1.16
C ASP B 347 2.47 -21.35 -1.01
N PHE B 348 2.87 -20.50 -1.96
CA PHE B 348 2.66 -19.05 -1.82
C PHE B 348 1.47 -18.60 -2.62
N ALA B 349 0.84 -17.51 -2.18
CA ALA B 349 -0.21 -16.88 -2.99
C ALA B 349 0.06 -15.38 -3.05
N MET B 350 -0.23 -14.78 -4.19
CA MET B 350 0.02 -13.36 -4.39
C MET B 350 -0.66 -12.52 -3.33
N GLU B 351 0.18 -11.70 -2.69
CA GLU B 351 -0.20 -10.58 -1.84
C GLU B 351 -1.43 -9.91 -2.41
N ASP B 352 -2.41 -9.58 -1.57
CA ASP B 352 -3.47 -8.71 -2.10
C ASP B 352 -2.96 -7.26 -2.23
N SAH C . 1.91 1.53 24.06
CA SAH C . 2.19 1.14 22.66
CB SAH C . 1.00 1.72 21.91
CG SAH C . 0.45 0.75 20.92
SD SAH C . -0.79 1.59 20.00
C SAH C . 3.34 1.95 22.14
O SAH C . 3.39 3.16 22.39
OXT SAH C . 4.22 1.46 21.40
C5' SAH C . -2.30 1.27 20.90
C4' SAH C . -2.35 -0.09 21.59
O4' SAH C . -3.50 -0.16 22.43
C3' SAH C . -2.47 -1.25 20.61
O3' SAH C . -1.51 -2.23 21.04
C2' SAH C . -3.91 -1.73 20.74
O2' SAH C . -4.06 -3.15 20.60
C1' SAH C . -4.21 -1.38 22.18
N9 SAH C . -5.63 -1.12 22.49
C8 SAH C . -6.52 -0.43 21.73
N7 SAH C . -7.73 -0.36 22.35
C5 SAH C . -7.61 -1.00 23.53
C6 SAH C . -8.50 -1.31 24.67
N6 SAH C . -9.79 -0.89 24.69
N1 SAH C . -7.97 -2.00 25.69
C2 SAH C . -6.68 -2.42 25.71
N3 SAH C . -5.82 -2.17 24.70
C4 SAH C . -6.21 -1.48 23.61
CAM 49K D . -2.99 1.12 13.52
CAN 49K D . -4.37 0.87 13.54
CAO 49K D . -5.17 1.38 12.53
FAP 49K D . -6.51 1.11 12.54
CAQ 49K D . -4.60 2.16 11.50
CAR 49K D . -3.23 2.41 11.49
CAL 49K D . -2.42 1.91 12.52
CAK 49K D . -1.07 2.12 12.52
NAJ 49K D . -0.31 1.87 11.47
NAI 49K D . 0.94 2.12 11.80
CAH 49K D . 0.98 2.53 13.07
CAG 49K D . -0.27 2.52 13.52
CAF 49K D . -0.68 2.93 14.97
NAB 49K D . -0.73 4.41 15.15
CAA 49K D . -1.80 5.06 14.32
CAC 49K D . -0.74 4.88 16.59
CAD 49K D . -1.95 4.40 17.42
NAE 49K D . -1.80 4.61 18.87
N SAH E . -2.19 -1.20 -23.24
CA SAH E . -2.10 -0.78 -21.82
CB SAH E . -2.02 -2.05 -20.99
CG SAH E . -2.82 -1.87 -19.74
SD SAH E . -2.59 -3.28 -18.70
C SAH E . -0.79 -0.08 -21.63
O SAH E . -0.70 0.93 -20.91
OXT SAH E . 0.21 -0.56 -22.18
C5' SAH E . -3.72 -4.49 -19.33
C4' SAH E . -5.09 -3.97 -19.79
O4' SAH E . -5.80 -5.06 -20.35
C3' SAH E . -5.98 -3.44 -18.68
O3' SAH E . -6.47 -2.13 -19.07
C2' SAH E . -7.11 -4.45 -18.56
O2' SAH E . -8.36 -3.86 -18.24
C1' SAH E . -7.18 -5.04 -19.96
N9 SAH E . -7.72 -6.41 -20.09
C8 SAH E . -7.45 -7.47 -19.29
N7 SAH E . -8.08 -8.61 -19.72
C5 SAH E . -8.78 -8.26 -20.81
C6 SAH E . -9.69 -8.97 -21.74
N6 SAH E . -9.95 -10.30 -21.57
N1 SAH E . -10.22 -8.24 -22.75
C2 SAH E . -9.93 -6.92 -22.94
N3 SAH E . -9.12 -6.21 -22.12
C4 SAH E . -8.55 -6.82 -21.05
CAM 49K F . -1.52 -4.92 -10.21
CAN 49K F . -2.40 -5.98 -9.94
CAO 49K F . -3.54 -6.13 -10.74
FAP 49K F . -4.40 -7.11 -10.51
CAQ 49K F . -3.81 -5.25 -11.78
CAR 49K F . -2.92 -4.20 -12.02
CAL 49K F . -1.77 -4.04 -11.25
CAK 49K F . -0.93 -3.01 -11.51
NAJ 49K F . -0.56 -2.08 -10.64
NAI 49K F . 0.21 -1.26 -11.22
CAH 49K F . 0.37 -1.59 -12.51
CAG 49K F . -0.34 -2.69 -12.68
CAF 49K F . -0.44 -3.44 -14.01
NAB 49K F . 0.87 -4.03 -14.38
CAA 49K F . 1.22 -5.20 -13.53
CAC 49K F . 0.95 -4.37 -15.81
CAD 49K F . -0.28 -5.08 -16.35
NAE 49K F . -0.18 -5.36 -17.79
C1 GOL G . -1.17 -18.72 -13.85
O1 GOL G . -1.17 -19.05 -15.25
C2 GOL G . -2.07 -17.53 -13.63
O2 GOL G . -3.45 -17.89 -13.83
C3 GOL G . -1.91 -17.04 -12.20
O3 GOL G . -3.02 -16.16 -11.96
#